data_1IV4
#
_entry.id   1IV4
#
_cell.length_a   106.364
_cell.length_b   106.364
_cell.length_c   149.190
_cell.angle_alpha   90.00
_cell.angle_beta   90.00
_cell.angle_gamma   90.00
#
_symmetry.space_group_name_H-M   'P 41 21 2'
#
loop_
_entity.id
_entity.type
_entity.pdbx_description
1 polymer '2-C-methyl-D-erythritol 2,4-cyclodiphosphate synthase'
2 non-polymer 'MAGNESIUM ION'
3 non-polymer "CYTIDINE-5'-MONOPHOSPHATE"
4 water water
#
_entity_poly.entity_id   1
_entity_poly.type   'polypeptide(L)'
_entity_poly.pdbx_seq_one_letter_code
;MRIGYGEDSHRLEEGRPLYLCGLLIPSPVGALAHSDGDAAMHALTDALLSAYGLGDIGLLFPDTDPRWRGERSEVFLREA
MRLVEARGAKLLQASLVLTLDRPKLGPHRKALVDSLSRLMRLPQDRIGLTFKTSEGLAPSHVQARAVVLLDG
;
_entity_poly.pdbx_strand_id   A,B,C,D,E,F
#
loop_
_chem_comp.id
_chem_comp.type
_chem_comp.name
_chem_comp.formula
C5P non-polymer CYTIDINE-5'-MONOPHOSPHATE 'C9 H14 N3 O8 P'
MG non-polymer 'MAGNESIUM ION' 'Mg 2'
#
# COMPACT_ATOMS: atom_id res chain seq x y z
N ARG A 2 23.74 22.96 9.77
CA ARG A 2 23.92 22.27 11.04
C ARG A 2 23.09 20.98 11.07
N ILE A 3 23.57 20.03 11.85
CA ILE A 3 22.87 18.77 12.06
C ILE A 3 22.79 18.50 13.56
N GLY A 4 21.73 17.76 13.91
CA GLY A 4 21.63 17.30 15.29
C GLY A 4 20.99 15.92 15.32
N TYR A 5 21.38 15.13 16.30
CA TYR A 5 20.89 13.76 16.43
C TYR A 5 20.34 13.54 17.84
N GLY A 6 19.17 12.94 17.98
CA GLY A 6 18.62 12.77 19.33
C GLY A 6 17.86 11.46 19.41
N GLU A 7 17.75 10.96 20.63
CA GLU A 7 17.07 9.68 20.88
C GLU A 7 16.16 9.80 22.12
N ASP A 8 15.14 8.99 22.20
CA ASP A 8 14.36 8.85 23.45
C ASP A 8 13.80 7.45 23.50
N SER A 9 13.51 6.96 24.71
CA SER A 9 12.74 5.73 24.83
C SER A 9 11.90 5.82 26.10
N HIS A 10 10.83 5.03 26.10
CA HIS A 10 9.98 4.95 27.27
C HIS A 10 9.47 3.52 27.41
N ARG A 11 9.45 3.05 28.66
CA ARG A 11 8.75 1.81 28.96
C ARG A 11 7.27 1.98 28.66
N LEU A 12 6.70 0.90 28.13
CA LEU A 12 5.27 0.88 27.85
C LEU A 12 4.50 0.11 28.91
N GLU A 13 3.33 0.63 29.29
CA GLU A 13 2.56 -0.24 30.19
C GLU A 13 1.11 -0.25 29.77
N GLU A 14 0.45 -1.37 30.05
CA GLU A 14 -0.95 -1.51 29.68
C GLU A 14 -1.81 -0.44 30.34
N GLY A 15 -2.72 0.14 29.56
CA GLY A 15 -3.74 1.06 29.99
C GLY A 15 -3.32 2.47 30.30
N ARG A 16 -2.11 2.87 29.91
CA ARG A 16 -1.69 4.26 30.05
C ARG A 16 -1.92 4.90 28.67
N PRO A 17 -2.21 6.19 28.57
CA PRO A 17 -2.36 6.80 27.26
C PRO A 17 -1.04 6.87 26.49
N LEU A 18 -1.10 6.71 25.17
CA LEU A 18 0.08 6.77 24.33
C LEU A 18 0.12 8.10 23.59
N TYR A 19 1.17 8.89 23.80
CA TYR A 19 1.36 10.14 23.08
C TYR A 19 2.53 10.00 22.11
N LEU A 20 2.27 10.36 20.83
CA LEU A 20 3.36 10.34 19.86
C LEU A 20 3.22 11.51 18.88
N CYS A 21 4.31 12.25 18.66
CA CYS A 21 4.28 13.39 17.74
C CYS A 21 3.20 14.41 18.13
N GLY A 22 2.89 14.48 19.43
CA GLY A 22 1.94 15.51 19.87
C GLY A 22 0.53 15.00 20.00
N LEU A 23 0.25 13.80 19.52
CA LEU A 23 -1.11 13.29 19.45
C LEU A 23 -1.39 12.12 20.39
N LEU A 24 -2.64 12.04 20.86
CA LEU A 24 -3.06 10.84 21.57
C LEU A 24 -3.25 9.69 20.57
N ILE A 25 -2.63 8.52 20.78
CA ILE A 25 -2.85 7.40 19.87
C ILE A 25 -3.58 6.26 20.60
N PRO A 26 -4.79 5.94 20.12
CA PRO A 26 -5.54 4.81 20.73
C PRO A 26 -4.66 3.58 20.76
N SER A 27 -4.53 2.98 21.94
CA SER A 27 -3.54 1.93 22.20
C SER A 27 -3.80 1.13 23.46
N PRO A 28 -3.47 -0.14 23.45
CA PRO A 28 -3.54 -0.97 24.67
C PRO A 28 -2.48 -0.55 25.69
N VAL A 29 -1.43 0.14 25.25
CA VAL A 29 -0.28 0.47 26.06
C VAL A 29 0.17 1.92 25.84
N GLY A 30 0.80 2.48 26.87
CA GLY A 30 1.27 3.86 26.79
C GLY A 30 2.43 4.09 27.73
N ALA A 31 3.00 5.30 27.63
CA ALA A 31 4.24 5.50 28.35
C ALA A 31 4.00 5.50 29.86
N LEU A 32 4.91 4.78 30.50
CA LEU A 32 5.07 4.86 31.95
C LEU A 32 6.05 6.00 32.20
N ALA A 33 5.55 7.18 32.57
CA ALA A 33 6.54 8.26 32.70
C ALA A 33 6.03 9.39 33.57
N HIS A 34 6.94 10.28 33.97
CA HIS A 34 6.52 11.46 34.73
C HIS A 34 6.04 12.50 33.73
N SER A 35 6.45 12.26 32.48
CA SER A 35 6.08 13.10 31.35
C SER A 35 4.89 12.48 30.62
N ASP A 36 4.55 13.03 29.46
CA ASP A 36 3.58 12.36 28.59
C ASP A 36 4.26 11.20 27.86
N GLY A 37 5.58 11.10 28.01
CA GLY A 37 6.32 10.01 27.43
C GLY A 37 6.33 10.02 25.92
N ASP A 38 6.14 11.19 25.31
CA ASP A 38 6.17 11.25 23.85
C ASP A 38 7.61 11.15 23.29
N ALA A 39 7.99 9.94 22.89
CA ALA A 39 9.38 9.70 22.48
C ALA A 39 9.78 10.47 21.22
N ALA A 40 8.78 10.65 20.35
CA ALA A 40 9.02 11.41 19.12
C ALA A 40 9.35 12.85 19.45
N MET A 41 8.52 13.48 20.28
CA MET A 41 8.76 14.86 20.68
C MET A 41 10.05 14.90 21.35
N HIS A 42 10.38 14.03 22.31
CA HIS A 42 11.64 14.18 23.05
C HIS A 42 12.86 14.04 22.17
N ALA A 43 12.86 13.02 21.30
CA ALA A 43 14.02 12.82 20.42
C ALA A 43 14.26 14.04 19.51
N LEU A 44 13.19 14.59 18.95
CA LEU A 44 13.31 15.78 18.09
C LEU A 44 13.81 16.97 18.91
N THR A 45 13.34 17.11 20.16
CA THR A 45 13.79 18.24 20.97
C THR A 45 15.29 18.11 21.26
N ASP A 46 15.71 16.93 21.69
CA ASP A 46 17.13 16.74 21.94
C ASP A 46 17.93 16.96 20.66
N ALA A 47 17.41 16.50 19.51
CA ALA A 47 18.14 16.75 18.25
C ALA A 47 18.30 18.25 17.96
N LEU A 48 17.24 19.04 18.16
CA LEU A 48 17.36 20.49 17.94
C LEU A 48 18.37 21.13 18.89
N LEU A 49 18.27 20.75 20.18
CA LEU A 49 19.21 21.32 21.16
C LEU A 49 20.64 20.91 20.82
N SER A 50 20.80 19.66 20.44
CA SER A 50 22.12 19.13 20.11
C SER A 50 22.74 19.92 18.95
N ALA A 51 21.94 20.35 18.00
CA ALA A 51 22.44 21.04 16.81
C ALA A 51 23.12 22.35 17.20
N TYR A 52 22.86 22.88 18.39
CA TYR A 52 23.54 24.12 18.83
C TYR A 52 24.31 23.91 20.11
N GLY A 53 24.47 22.66 20.54
CA GLY A 53 25.26 22.34 21.72
C GLY A 53 24.60 22.82 23.00
N LEU A 54 23.27 22.90 22.99
CA LEU A 54 22.60 23.60 24.10
C LEU A 54 22.31 22.70 25.28
N GLY A 55 22.45 21.40 25.13
CA GLY A 55 22.26 20.47 26.23
C GLY A 55 21.25 19.41 25.83
N ASP A 56 20.43 19.01 26.78
CA ASP A 56 19.41 18.01 26.47
C ASP A 56 18.16 18.33 27.28
N ILE A 57 17.10 17.56 27.09
CA ILE A 57 15.83 17.93 27.72
C ILE A 57 15.90 17.79 29.23
N GLY A 58 16.73 16.93 29.78
CA GLY A 58 16.85 16.81 31.23
C GLY A 58 17.55 18.00 31.86
N LEU A 59 18.41 18.66 31.09
CA LEU A 59 19.05 19.89 31.55
C LEU A 59 18.10 21.07 31.47
N LEU A 60 17.46 21.21 30.30
CA LEU A 60 16.69 22.43 30.03
C LEU A 60 15.25 22.37 30.54
N PHE A 61 14.67 21.19 30.59
CA PHE A 61 13.27 21.02 30.94
C PHE A 61 13.09 20.02 32.07
N PRO A 62 13.80 20.14 33.18
CA PRO A 62 13.65 19.14 34.23
C PRO A 62 12.35 19.36 34.98
N ASP A 63 11.80 18.29 35.55
CA ASP A 63 10.52 18.48 36.25
C ASP A 63 10.74 19.08 37.64
N THR A 64 11.96 19.47 37.95
CA THR A 64 12.26 20.25 39.15
C THR A 64 11.97 21.73 38.88
N ASP A 65 11.81 22.10 37.61
CA ASP A 65 11.52 23.49 37.26
C ASP A 65 10.02 23.70 37.09
N PRO A 66 9.39 24.52 37.92
CA PRO A 66 7.92 24.63 37.85
C PRO A 66 7.36 25.07 36.51
N ARG A 67 8.17 25.71 35.67
CA ARG A 67 7.79 26.19 34.35
C ARG A 67 7.53 25.05 33.38
N TRP A 68 8.24 23.96 33.64
CA TRP A 68 8.23 22.83 32.72
C TRP A 68 7.56 21.58 33.29
N ARG A 69 7.44 21.47 34.62
CA ARG A 69 6.80 20.29 35.19
C ARG A 69 5.37 20.11 34.70
N GLY A 70 5.02 18.91 34.26
CA GLY A 70 3.69 18.62 33.78
C GLY A 70 3.29 19.25 32.47
N GLU A 71 4.17 19.99 31.80
CA GLU A 71 3.80 20.53 30.49
C GLU A 71 3.74 19.46 29.41
N ARG A 72 2.95 19.66 28.35
CA ARG A 72 3.02 18.75 27.21
C ARG A 72 4.39 18.80 26.53
N SER A 73 4.77 17.70 25.90
CA SER A 73 6.11 17.71 25.28
C SER A 73 6.23 18.69 24.13
N GLU A 74 5.17 19.11 23.45
CA GLU A 74 5.29 20.09 22.37
C GLU A 74 5.78 21.43 22.91
N VAL A 75 5.54 21.65 24.21
CA VAL A 75 5.99 22.90 24.84
C VAL A 75 7.51 22.97 24.79
N PHE A 76 8.15 21.84 25.09
CA PHE A 76 9.60 21.79 25.10
C PHE A 76 10.16 21.92 23.68
N LEU A 77 9.51 21.21 22.76
CA LEU A 77 9.95 21.33 21.37
C LEU A 77 9.83 22.77 20.89
N ARG A 78 8.71 23.44 21.18
CA ARG A 78 8.60 24.83 20.72
C ARG A 78 9.65 25.73 21.35
N GLU A 79 10.00 25.46 22.61
CA GLU A 79 11.03 26.29 23.25
C GLU A 79 12.40 25.98 22.65
N ALA A 80 12.66 24.73 22.30
CA ALA A 80 13.93 24.41 21.64
C ALA A 80 14.00 25.14 20.32
N MET A 81 12.87 25.13 19.63
CA MET A 81 12.83 25.85 18.33
C MET A 81 13.06 27.30 18.60
N ARG A 82 12.50 27.91 19.62
CA ARG A 82 12.75 29.31 19.92
C ARG A 82 14.24 29.59 20.18
N LEU A 83 14.89 28.71 20.92
CA LEU A 83 16.29 28.89 21.28
C LEU A 83 17.23 28.81 20.08
N VAL A 84 17.02 27.83 19.21
CA VAL A 84 17.92 27.76 18.04
C VAL A 84 17.60 28.89 17.07
N GLU A 85 16.34 29.27 16.88
CA GLU A 85 16.00 30.39 15.99
C GLU A 85 16.64 31.69 16.47
N ALA A 86 16.71 31.91 17.78
CA ALA A 86 17.36 33.11 18.31
C ALA A 86 18.87 33.10 18.04
N ARG A 87 19.40 31.91 17.72
CA ARG A 87 20.81 31.81 17.42
C ARG A 87 21.06 31.82 15.92
N GLY A 88 20.00 32.06 15.16
CA GLY A 88 20.10 32.22 13.73
C GLY A 88 19.67 31.02 12.90
N ALA A 89 19.26 29.95 13.56
CA ALA A 89 18.84 28.76 12.81
C ALA A 89 17.56 28.91 12.01
N LYS A 90 17.56 28.18 10.89
CA LYS A 90 16.37 27.93 10.10
C LYS A 90 16.26 26.42 9.91
N LEU A 91 15.24 25.87 10.57
CA LEU A 91 15.04 24.42 10.46
C LEU A 91 14.60 24.07 9.04
N LEU A 92 15.27 23.04 8.52
CA LEU A 92 15.00 22.64 7.15
C LEU A 92 14.32 21.28 7.04
N GLN A 93 14.66 20.34 7.94
CA GLN A 93 14.21 18.97 7.77
C GLN A 93 14.29 18.19 9.08
N ALA A 94 13.32 17.29 9.28
CA ALA A 94 13.39 16.35 10.38
C ALA A 94 13.11 14.93 9.85
N SER A 95 13.99 13.98 10.19
CA SER A 95 13.81 12.60 9.78
C SER A 95 13.92 11.72 11.02
N LEU A 96 12.87 10.94 11.33
CA LEU A 96 13.00 10.16 12.57
C LEU A 96 12.35 8.78 12.41
N VAL A 97 12.74 7.85 13.27
CA VAL A 97 12.20 6.49 13.23
C VAL A 97 11.56 6.18 14.57
N LEU A 98 10.33 5.67 14.56
CA LEU A 98 9.69 5.19 15.77
C LEU A 98 9.65 3.68 15.76
N THR A 99 10.13 3.17 16.89
CA THR A 99 10.19 1.71 17.07
C THR A 99 9.24 1.29 18.18
N LEU A 100 8.27 0.47 17.80
CA LEU A 100 7.31 -0.05 18.77
C LEU A 100 6.49 -1.16 18.10
N ASP A 101 6.15 -2.15 18.91
CA ASP A 101 5.53 -3.35 18.38
C ASP A 101 4.06 -3.13 18.09
N ARG A 102 3.39 -2.48 19.03
CA ARG A 102 1.98 -2.11 18.94
C ARG A 102 1.74 -0.79 19.64
N PRO A 103 0.72 -0.02 19.29
CA PRO A 103 -0.20 -0.32 18.20
C PRO A 103 0.39 -0.07 16.82
N LYS A 104 -0.27 -0.52 15.76
CA LYS A 104 0.12 -0.14 14.42
C LYS A 104 -0.04 1.38 14.24
N LEU A 105 0.98 2.04 13.70
CA LEU A 105 0.90 3.49 13.55
C LEU A 105 0.48 3.86 12.13
N GLY A 106 0.55 2.91 11.20
CA GLY A 106 0.14 3.19 9.83
C GLY A 106 -1.21 3.87 9.71
N PRO A 107 -2.27 3.43 10.39
CA PRO A 107 -3.55 4.15 10.29
C PRO A 107 -3.46 5.60 10.72
N HIS A 108 -2.45 5.96 11.51
CA HIS A 108 -2.29 7.30 12.05
C HIS A 108 -1.29 8.12 11.26
N ARG A 109 -0.74 7.55 10.21
CA ARG A 109 0.38 8.21 9.53
C ARG A 109 0.08 9.64 9.09
N LYS A 110 -1.06 9.88 8.46
CA LYS A 110 -1.38 11.22 8.00
C LYS A 110 -1.38 12.22 9.15
N ALA A 111 -2.08 11.85 10.23
CA ALA A 111 -2.22 12.78 11.36
C ALA A 111 -0.88 13.04 12.02
N LEU A 112 -0.07 11.98 12.12
CA LEU A 112 1.23 12.16 12.80
C LEU A 112 2.12 13.12 12.02
N VAL A 113 2.15 12.87 10.72
CA VAL A 113 2.99 13.74 9.87
C VAL A 113 2.43 15.15 9.84
N ASP A 114 1.11 15.23 9.77
CA ASP A 114 0.49 16.54 9.78
C ASP A 114 0.85 17.31 11.05
N SER A 115 0.88 16.57 12.16
CA SER A 115 1.22 17.22 13.43
C SER A 115 2.65 17.73 13.45
N LEU A 116 3.60 16.87 13.06
CA LEU A 116 4.99 17.35 13.04
C LEU A 116 5.17 18.49 12.05
N SER A 117 4.50 18.44 10.89
CA SER A 117 4.56 19.55 9.94
C SER A 117 4.07 20.86 10.53
N ARG A 118 2.93 20.81 11.23
CA ARG A 118 2.36 21.98 11.89
C ARG A 118 3.24 22.50 13.03
N LEU A 119 3.75 21.60 13.85
CA LEU A 119 4.57 21.97 15.00
C LEU A 119 5.90 22.60 14.61
N MET A 120 6.57 21.98 13.62
CA MET A 120 7.93 22.50 13.22
C MET A 120 7.87 23.47 12.12
N ARG A 121 6.70 23.69 11.55
CA ARG A 121 6.50 24.62 10.44
C ARG A 121 7.36 24.19 9.26
N LEU A 122 7.31 22.90 8.94
CA LEU A 122 7.99 22.34 7.79
C LEU A 122 7.00 21.76 6.80
N PRO A 123 7.34 21.82 5.52
CA PRO A 123 6.45 21.20 4.53
C PRO A 123 6.43 19.69 4.71
N GLN A 124 5.36 19.03 4.31
CA GLN A 124 5.29 17.58 4.50
C GLN A 124 6.44 16.81 3.87
N ASP A 125 7.04 17.31 2.79
CA ASP A 125 8.12 16.54 2.16
C ASP A 125 9.42 16.63 2.94
N ARG A 126 9.43 17.47 3.97
CA ARG A 126 10.58 17.64 4.85
C ARG A 126 10.33 17.02 6.22
N ILE A 127 9.22 16.31 6.38
CA ILE A 127 8.98 15.50 7.58
C ILE A 127 9.17 14.05 7.15
N GLY A 128 10.26 13.46 7.67
CA GLY A 128 10.56 12.08 7.28
C GLY A 128 10.27 11.15 8.45
N LEU A 129 9.08 10.57 8.48
CA LEU A 129 8.64 9.71 9.55
C LEU A 129 8.53 8.26 9.12
N THR A 130 9.21 7.36 9.83
CA THR A 130 9.06 5.94 9.48
C THR A 130 8.78 5.14 10.75
N PHE A 131 8.10 4.01 10.59
CA PHE A 131 7.76 3.18 11.76
C PHE A 131 8.34 1.78 11.61
N LYS A 132 8.74 1.18 12.73
CA LYS A 132 9.16 -0.22 12.67
C LYS A 132 8.77 -0.91 13.97
N THR A 133 8.66 -2.23 13.98
CA THR A 133 8.57 -2.97 15.22
C THR A 133 9.99 -3.25 15.73
N SER A 134 10.08 -3.74 16.96
CA SER A 134 11.38 -4.13 17.52
C SER A 134 11.71 -5.58 17.17
N GLU A 135 10.80 -6.26 16.49
CA GLU A 135 11.07 -7.66 16.11
C GLU A 135 11.36 -8.47 17.37
N GLY A 136 10.60 -8.12 18.40
CA GLY A 136 10.77 -8.87 19.64
C GLY A 136 11.91 -8.43 20.52
N LEU A 137 12.80 -7.57 20.03
CA LEU A 137 13.91 -7.12 20.84
C LEU A 137 13.48 -6.27 22.02
N ALA A 138 12.50 -5.38 21.85
CA ALA A 138 12.10 -4.45 22.89
C ALA A 138 10.58 -4.30 22.93
N PRO A 139 9.88 -5.37 23.25
CA PRO A 139 8.43 -5.40 23.13
C PRO A 139 7.68 -4.55 24.13
N SER A 140 8.33 -4.10 25.20
CA SER A 140 7.65 -3.23 26.15
C SER A 140 8.19 -1.80 26.12
N HIS A 141 8.76 -1.35 25.01
CA HIS A 141 9.23 0.03 24.93
C HIS A 141 8.83 0.71 23.64
N VAL A 142 8.76 2.04 23.69
CA VAL A 142 8.70 2.85 22.48
C VAL A 142 10.06 3.55 22.39
N GLN A 143 10.63 3.54 21.18
CA GLN A 143 11.93 4.18 20.98
C GLN A 143 11.81 5.13 19.80
N ALA A 144 12.55 6.24 19.87
CA ALA A 144 12.60 7.17 18.75
C ALA A 144 14.02 7.63 18.52
N ARG A 145 14.41 7.74 17.27
CA ARG A 145 15.73 8.29 16.94
C ARG A 145 15.52 9.31 15.83
N ALA A 146 16.12 10.48 15.92
CA ALA A 146 15.76 11.59 15.04
C ALA A 146 17.00 12.36 14.58
N VAL A 147 17.02 12.74 13.31
CA VAL A 147 18.06 13.67 12.83
C VAL A 147 17.36 14.92 12.35
N VAL A 148 17.93 16.06 12.71
CA VAL A 148 17.44 17.32 12.14
C VAL A 148 18.53 18.03 11.34
N LEU A 149 18.10 18.81 10.34
CA LEU A 149 19.02 19.57 9.47
C LEU A 149 18.57 21.02 9.47
N LEU A 150 19.53 21.92 9.64
CA LEU A 150 19.19 23.33 9.73
C LEU A 150 20.15 24.19 8.89
N ASP A 151 19.58 25.24 8.33
CA ASP A 151 20.18 26.28 7.53
C ASP A 151 20.28 25.89 6.06
N ARG B 2 19.18 17.57 1.40
CA ARG B 2 18.26 16.70 2.14
C ARG B 2 19.00 15.57 2.86
N ILE B 3 18.43 15.19 4.00
CA ILE B 3 18.89 14.05 4.77
C ILE B 3 17.72 13.10 5.00
N GLY B 4 18.09 11.83 5.15
CA GLY B 4 17.11 10.84 5.57
C GLY B 4 17.75 9.86 6.54
N TYR B 5 16.99 9.32 7.47
CA TYR B 5 17.44 8.38 8.49
C TYR B 5 16.51 7.16 8.53
N GLY B 6 17.05 5.95 8.48
CA GLY B 6 16.26 4.74 8.49
C GLY B 6 16.87 3.65 9.34
N GLU B 7 16.05 2.74 9.83
CA GLU B 7 16.50 1.63 10.65
C GLU B 7 15.78 0.35 10.23
N ASP B 8 16.43 -0.77 10.48
CA ASP B 8 15.69 -2.03 10.36
C ASP B 8 16.29 -3.04 11.29
N SER B 9 15.53 -4.09 11.60
CA SER B 9 16.12 -5.18 12.36
C SER B 9 15.37 -6.48 12.05
N HIS B 10 16.06 -7.59 12.22
CA HIS B 10 15.39 -8.88 12.01
C HIS B 10 15.95 -9.91 12.99
N ARG B 11 15.03 -10.77 13.44
CA ARG B 11 15.45 -11.93 14.21
C ARG B 11 16.27 -12.85 13.34
N LEU B 12 17.36 -13.36 13.92
CA LEU B 12 18.22 -14.30 13.25
C LEU B 12 17.86 -15.70 13.75
N GLU B 13 17.93 -16.65 12.82
CA GLU B 13 17.70 -18.03 13.26
C GLU B 13 18.78 -18.91 12.64
N GLU B 14 19.21 -19.95 13.36
CA GLU B 14 20.21 -20.84 12.77
C GLU B 14 19.68 -21.54 11.52
N GLY B 15 20.58 -21.66 10.55
CA GLY B 15 20.39 -22.44 9.37
C GLY B 15 19.59 -21.76 8.27
N ARG B 16 19.21 -20.50 8.41
CA ARG B 16 18.54 -19.72 7.37
C ARG B 16 19.59 -18.86 6.66
N PRO B 17 19.36 -18.56 5.39
CA PRO B 17 20.29 -17.73 4.61
C PRO B 17 20.37 -16.31 5.18
N LEU B 18 21.59 -15.76 5.22
CA LEU B 18 21.81 -14.38 5.65
C LEU B 18 22.05 -13.49 4.41
N TYR B 19 21.21 -12.45 4.31
CA TYR B 19 21.33 -11.49 3.22
C TYR B 19 21.71 -10.11 3.74
N LEU B 20 22.81 -9.56 3.23
CA LEU B 20 23.19 -8.20 3.63
C LEU B 20 23.78 -7.43 2.45
N CYS B 21 23.34 -6.17 2.39
CA CYS B 21 23.74 -5.29 1.30
C CYS B 21 23.54 -5.94 -0.06
N GLY B 22 22.49 -6.75 -0.22
CA GLY B 22 22.21 -7.37 -1.51
C GLY B 22 22.87 -8.72 -1.72
N LEU B 23 23.81 -9.12 -0.90
CA LEU B 23 24.54 -10.37 -1.08
C LEU B 23 24.16 -11.48 -0.11
N LEU B 24 24.28 -12.73 -0.56
CA LEU B 24 24.27 -13.91 0.32
C LEU B 24 25.61 -13.94 1.06
N ILE B 25 25.59 -13.89 2.38
CA ILE B 25 26.75 -14.03 3.24
C ILE B 25 26.76 -15.41 3.92
N PRO B 26 27.75 -16.27 3.67
CA PRO B 26 27.80 -17.56 4.35
C PRO B 26 27.78 -17.36 5.85
N SER B 27 26.91 -18.11 6.54
CA SER B 27 26.59 -17.82 7.93
C SER B 27 25.88 -18.97 8.63
N PRO B 28 26.13 -19.13 9.92
CA PRO B 28 25.39 -20.15 10.68
C PRO B 28 23.98 -19.68 10.98
N VAL B 29 23.69 -18.40 10.71
CA VAL B 29 22.38 -17.85 11.06
C VAL B 29 21.89 -16.88 9.96
N GLY B 30 20.57 -16.65 9.93
CA GLY B 30 19.99 -15.78 8.93
C GLY B 30 18.62 -15.28 9.30
N ALA B 31 18.06 -14.39 8.47
CA ALA B 31 16.83 -13.73 8.91
C ALA B 31 15.65 -14.69 9.04
N LEU B 32 14.97 -14.56 10.17
CA LEU B 32 13.65 -15.15 10.36
C LEU B 32 12.62 -14.09 9.94
N ALA B 33 12.24 -14.12 8.66
CA ALA B 33 11.28 -13.11 8.21
C ALA B 33 10.52 -13.55 6.97
N HIS B 34 9.48 -12.78 6.63
CA HIS B 34 8.68 -12.95 5.43
C HIS B 34 9.38 -12.32 4.22
N SER B 35 10.35 -11.48 4.52
CA SER B 35 11.28 -10.83 3.64
C SER B 35 12.54 -11.69 3.49
N ASP B 36 13.51 -11.24 2.69
CA ASP B 36 14.85 -11.82 2.70
C ASP B 36 15.57 -11.32 3.96
N GLY B 37 14.97 -10.37 4.66
CA GLY B 37 15.53 -9.94 5.92
C GLY B 37 16.81 -9.13 5.83
N ASP B 38 17.05 -8.53 4.67
CA ASP B 38 18.28 -7.74 4.45
C ASP B 38 18.14 -6.37 5.12
N ALA B 39 18.62 -6.35 6.37
CA ALA B 39 18.48 -5.18 7.22
C ALA B 39 19.12 -3.95 6.62
N ALA B 40 20.27 -4.12 5.97
CA ALA B 40 20.97 -3.01 5.33
C ALA B 40 20.13 -2.41 4.20
N MET B 41 19.63 -3.29 3.31
CA MET B 41 18.82 -2.81 2.22
C MET B 41 17.61 -2.04 2.77
N HIS B 42 16.94 -2.63 3.78
CA HIS B 42 15.71 -2.02 4.29
C HIS B 42 15.97 -0.67 4.94
N ALA B 43 17.03 -0.59 5.75
CA ALA B 43 17.34 0.67 6.42
C ALA B 43 17.65 1.75 5.38
N LEU B 44 18.35 1.38 4.31
CA LEU B 44 18.67 2.38 3.29
C LEU B 44 17.43 2.81 2.52
N THR B 45 16.57 1.83 2.22
CA THR B 45 15.31 2.17 1.54
C THR B 45 14.52 3.13 2.39
N ASP B 46 14.30 2.81 3.66
CA ASP B 46 13.55 3.71 4.54
C ASP B 46 14.23 5.07 4.63
N ALA B 47 15.57 5.11 4.68
CA ALA B 47 16.25 6.40 4.74
C ALA B 47 15.97 7.24 3.51
N LEU B 48 16.00 6.61 2.34
CA LEU B 48 15.71 7.34 1.08
C LEU B 48 14.28 7.84 1.05
N LEU B 49 13.32 6.98 1.45
CA LEU B 49 11.94 7.43 1.42
C LEU B 49 11.76 8.57 2.40
N SER B 50 12.38 8.44 3.56
CA SER B 50 12.23 9.44 4.62
C SER B 50 12.71 10.81 4.15
N ALA B 51 13.78 10.80 3.34
CA ALA B 51 14.34 12.05 2.87
C ALA B 51 13.39 12.86 2.00
N TYR B 52 12.35 12.24 1.47
CA TYR B 52 11.30 12.92 0.73
C TYR B 52 9.92 12.82 1.37
N GLY B 53 9.84 12.28 2.57
CA GLY B 53 8.61 12.17 3.32
C GLY B 53 7.64 11.21 2.66
N LEU B 54 8.16 10.25 1.92
CA LEU B 54 7.31 9.37 1.13
C LEU B 54 6.69 8.23 1.92
N GLY B 55 7.08 7.96 3.15
CA GLY B 55 6.52 6.87 3.93
C GLY B 55 7.63 5.92 4.37
N ASP B 56 7.33 4.63 4.40
CA ASP B 56 8.33 3.63 4.79
C ASP B 56 8.11 2.37 3.98
N ILE B 57 8.99 1.39 4.13
CA ILE B 57 8.91 0.18 3.30
C ILE B 57 7.62 -0.60 3.50
N GLY B 58 7.03 -0.50 4.69
CA GLY B 58 5.80 -1.21 4.99
C GLY B 58 4.65 -0.61 4.21
N LEU B 59 4.70 0.72 4.07
CA LEU B 59 3.67 1.39 3.32
C LEU B 59 3.82 1.15 1.83
N LEU B 60 5.02 1.31 1.29
CA LEU B 60 5.29 1.32 -0.14
C LEU B 60 5.45 -0.07 -0.72
N PHE B 61 5.94 -1.03 0.08
CA PHE B 61 6.22 -2.36 -0.48
C PHE B 61 5.57 -3.45 0.33
N PRO B 62 4.25 -3.41 0.52
CA PRO B 62 3.59 -4.47 1.28
C PRO B 62 3.58 -5.78 0.54
N ASP B 63 3.74 -6.92 1.22
CA ASP B 63 3.71 -8.15 0.42
C ASP B 63 2.28 -8.55 0.05
N THR B 64 1.31 -7.72 0.38
CA THR B 64 -0.07 -7.86 -0.12
C THR B 64 -0.11 -7.34 -1.55
N ASP B 65 1.01 -6.74 -1.98
CA ASP B 65 1.21 -6.21 -3.31
C ASP B 65 1.98 -7.18 -4.18
N PRO B 66 1.33 -7.75 -5.19
CA PRO B 66 1.99 -8.73 -6.06
C PRO B 66 3.31 -8.29 -6.65
N ARG B 67 3.50 -7.04 -7.04
CA ARG B 67 4.79 -6.65 -7.59
C ARG B 67 5.94 -6.81 -6.59
N TRP B 68 5.61 -6.69 -5.29
CA TRP B 68 6.66 -6.75 -4.27
C TRP B 68 6.70 -8.04 -3.47
N ARG B 69 5.68 -8.89 -3.51
CA ARG B 69 5.77 -10.09 -2.69
C ARG B 69 6.87 -11.06 -3.14
N GLY B 70 7.72 -11.54 -2.25
CA GLY B 70 8.77 -12.49 -2.55
C GLY B 70 9.95 -11.97 -3.33
N GLU B 71 9.96 -10.68 -3.59
CA GLU B 71 11.02 -10.05 -4.37
C GLU B 71 12.25 -9.79 -3.51
N ARG B 72 13.46 -9.76 -4.11
CA ARG B 72 14.61 -9.39 -3.29
C ARG B 72 14.57 -7.93 -2.84
N SER B 73 15.20 -7.62 -1.69
CA SER B 73 15.07 -6.27 -1.16
C SER B 73 15.69 -5.21 -2.06
N GLU B 74 16.64 -5.57 -2.92
CA GLU B 74 17.26 -4.61 -3.83
C GLU B 74 16.20 -4.02 -4.77
N VAL B 75 15.13 -4.79 -5.00
CA VAL B 75 14.04 -4.30 -5.84
C VAL B 75 13.42 -3.09 -5.17
N PHE B 76 13.25 -3.20 -3.85
CA PHE B 76 12.65 -2.05 -3.16
C PHE B 76 13.60 -0.85 -3.08
N LEU B 77 14.87 -1.11 -2.84
CA LEU B 77 15.84 -0.02 -2.84
C LEU B 77 15.81 0.67 -4.20
N ARG B 78 15.81 -0.11 -5.28
CA ARG B 78 15.84 0.54 -6.59
C ARG B 78 14.60 1.36 -6.88
N GLU B 79 13.45 0.88 -6.42
CA GLU B 79 12.22 1.64 -6.59
C GLU B 79 12.22 2.90 -5.74
N ALA B 80 12.72 2.87 -4.51
CA ALA B 80 12.88 4.06 -3.70
C ALA B 80 13.81 5.06 -4.38
N MET B 81 14.92 4.55 -4.94
CA MET B 81 15.80 5.51 -5.74
C MET B 81 15.00 6.12 -7.00
N ARG B 82 14.23 5.25 -7.66
CA ARG B 82 13.45 5.78 -8.78
C ARG B 82 12.54 6.92 -8.36
N LEU B 83 11.91 6.75 -7.20
CA LEU B 83 10.94 7.72 -6.70
C LEU B 83 11.60 9.02 -6.28
N VAL B 84 12.76 8.91 -5.61
CA VAL B 84 13.36 10.17 -5.16
C VAL B 84 14.02 10.86 -6.37
N GLU B 85 14.52 10.07 -7.31
CA GLU B 85 15.12 10.68 -8.52
C GLU B 85 14.03 11.37 -9.32
N ALA B 86 12.82 10.80 -9.33
CA ALA B 86 11.76 11.48 -10.07
C ALA B 86 11.42 12.82 -9.41
N ARG B 87 11.75 12.98 -8.13
CA ARG B 87 11.44 14.23 -7.44
C ARG B 87 12.67 15.15 -7.42
N GLY B 88 13.65 14.79 -8.27
CA GLY B 88 14.80 15.66 -8.49
C GLY B 88 15.99 15.33 -7.62
N ALA B 89 15.90 14.26 -6.82
CA ALA B 89 17.02 13.94 -5.95
C ALA B 89 18.27 13.49 -6.70
N LYS B 90 19.40 13.92 -6.12
CA LYS B 90 20.72 13.40 -6.48
C LYS B 90 21.39 12.86 -5.20
N LEU B 91 21.34 11.54 -5.05
CA LEU B 91 21.98 10.90 -3.91
C LEU B 91 23.46 11.24 -3.89
N LEU B 92 23.95 11.62 -2.69
CA LEU B 92 25.34 11.99 -2.54
C LEU B 92 26.11 10.96 -1.72
N GLN B 93 25.43 10.42 -0.70
CA GLN B 93 26.20 9.60 0.23
C GLN B 93 25.30 8.72 1.07
N ALA B 94 25.79 7.57 1.50
CA ALA B 94 25.08 6.72 2.43
C ALA B 94 26.05 6.21 3.49
N SER B 95 25.65 6.34 4.75
CA SER B 95 26.47 5.90 5.87
C SER B 95 25.64 5.01 6.77
N LEU B 96 26.10 3.78 7.00
CA LEU B 96 25.25 2.89 7.81
C LEU B 96 26.11 1.96 8.65
N VAL B 97 25.44 1.52 9.72
CA VAL B 97 26.08 0.65 10.69
C VAL B 97 25.30 -0.66 10.77
N LEU B 98 26.01 -1.78 10.63
CA LEU B 98 25.35 -3.08 10.80
C LEU B 98 25.79 -3.68 12.13
N THR B 99 24.81 -4.05 12.96
CA THR B 99 25.11 -4.61 14.26
C THR B 99 24.71 -6.10 14.24
N LEU B 100 25.69 -6.97 14.43
CA LEU B 100 25.39 -8.39 14.53
C LEU B 100 26.59 -9.14 15.10
N ASP B 101 26.25 -10.18 15.87
CA ASP B 101 27.34 -10.80 16.64
C ASP B 101 28.20 -11.69 15.74
N ARG B 102 27.51 -12.36 14.84
CA ARG B 102 28.16 -13.29 13.94
C ARG B 102 27.31 -13.43 12.69
N PRO B 103 27.89 -13.73 11.55
CA PRO B 103 29.29 -14.02 11.37
C PRO B 103 30.11 -12.73 11.23
N LYS B 104 31.43 -12.88 11.22
CA LYS B 104 32.29 -11.71 10.99
C LYS B 104 32.06 -11.15 9.58
N LEU B 105 31.87 -9.85 9.44
CA LEU B 105 31.66 -9.25 8.13
C LEU B 105 32.92 -8.69 7.52
N GLY B 106 33.97 -8.47 8.29
CA GLY B 106 35.25 -8.04 7.76
C GLY B 106 35.69 -8.77 6.51
N PRO B 107 35.72 -10.09 6.47
CA PRO B 107 36.10 -10.81 5.24
C PRO B 107 35.27 -10.53 4.01
N HIS B 108 34.11 -9.92 4.16
CA HIS B 108 33.22 -9.60 3.05
C HIS B 108 33.12 -8.11 2.79
N ARG B 109 33.94 -7.34 3.50
CA ARG B 109 33.83 -5.88 3.44
C ARG B 109 33.88 -5.34 2.03
N LYS B 110 34.88 -5.74 1.24
CA LYS B 110 35.02 -5.21 -0.12
C LYS B 110 33.79 -5.57 -0.96
N ALA B 111 33.33 -6.81 -0.90
CA ALA B 111 32.17 -7.15 -1.70
C ALA B 111 30.91 -6.40 -1.26
N LEU B 112 30.75 -6.22 0.06
CA LEU B 112 29.57 -5.51 0.56
C LEU B 112 29.57 -4.05 0.10
N VAL B 113 30.70 -3.36 0.28
CA VAL B 113 30.81 -1.98 -0.18
C VAL B 113 30.69 -1.89 -1.70
N ASP B 114 31.28 -2.86 -2.41
CA ASP B 114 31.13 -2.84 -3.87
C ASP B 114 29.66 -2.97 -4.27
N SER B 115 28.95 -3.84 -3.54
CA SER B 115 27.53 -4.02 -3.84
C SER B 115 26.74 -2.74 -3.64
N LEU B 116 26.89 -2.06 -2.50
CA LEU B 116 26.16 -0.82 -2.29
C LEU B 116 26.56 0.26 -3.29
N SER B 117 27.85 0.26 -3.65
CA SER B 117 28.31 1.28 -4.61
C SER B 117 27.64 1.06 -5.97
N ARG B 118 27.54 -0.21 -6.38
CA ARG B 118 26.92 -0.53 -7.67
C ARG B 118 25.42 -0.20 -7.66
N LEU B 119 24.73 -0.65 -6.62
CA LEU B 119 23.29 -0.49 -6.49
C LEU B 119 22.89 0.96 -6.36
N MET B 120 23.63 1.73 -5.56
CA MET B 120 23.21 3.20 -5.46
C MET B 120 23.99 4.14 -6.38
N ARG B 121 24.86 3.62 -7.24
CA ARG B 121 25.62 4.41 -8.20
C ARG B 121 26.39 5.54 -7.50
N LEU B 122 27.04 5.15 -6.38
CA LEU B 122 27.86 6.06 -5.62
C LEU B 122 29.30 5.59 -5.63
N PRO B 123 30.23 6.54 -5.65
CA PRO B 123 31.65 6.22 -5.53
C PRO B 123 31.96 5.57 -4.17
N GLN B 124 32.99 4.74 -4.14
CA GLN B 124 33.28 3.94 -2.98
C GLN B 124 33.53 4.83 -1.75
N ASP B 125 34.05 6.01 -1.93
CA ASP B 125 34.31 6.90 -0.81
C ASP B 125 33.03 7.55 -0.28
N ARG B 126 31.91 7.36 -0.95
CA ARG B 126 30.61 7.83 -0.48
C ARG B 126 29.71 6.72 0.05
N ILE B 127 30.24 5.54 0.24
CA ILE B 127 29.60 4.41 0.90
C ILE B 127 30.31 4.26 2.23
N GLY B 128 29.62 4.56 3.31
CA GLY B 128 30.25 4.45 4.64
C GLY B 128 29.60 3.33 5.43
N LEU B 129 30.26 2.19 5.41
CA LEU B 129 29.75 0.98 6.01
C LEU B 129 30.63 0.57 7.18
N THR B 130 29.98 0.44 8.34
CA THR B 130 30.77 -0.02 9.49
C THR B 130 30.05 -1.17 10.16
N PHE B 131 30.79 -2.05 10.84
CA PHE B 131 30.18 -3.23 11.44
C PHE B 131 30.45 -3.22 12.94
N LYS B 132 29.52 -3.73 13.73
CA LYS B 132 29.80 -3.91 15.14
C LYS B 132 29.04 -5.14 15.64
N THR B 133 29.49 -5.73 16.74
CA THR B 133 28.67 -6.72 17.43
C THR B 133 27.71 -6.03 18.39
N SER B 134 26.84 -6.82 19.03
CA SER B 134 25.97 -6.17 20.01
C SER B 134 26.54 -6.27 21.43
N GLU B 135 27.74 -6.78 21.60
CA GLU B 135 28.36 -7.00 22.92
C GLU B 135 27.38 -7.69 23.85
N GLY B 136 26.65 -8.67 23.31
CA GLY B 136 25.69 -9.43 24.07
C GLY B 136 24.31 -8.86 24.25
N LEU B 137 24.04 -7.63 23.84
CA LEU B 137 22.77 -6.93 23.95
C LEU B 137 21.69 -7.52 23.06
N ALA B 138 22.06 -7.98 21.87
CA ALA B 138 21.09 -8.45 20.88
C ALA B 138 21.70 -9.61 20.10
N PRO B 139 21.96 -10.75 20.76
CA PRO B 139 22.66 -11.84 20.08
C PRO B 139 21.84 -12.54 19.00
N SER B 140 20.52 -12.40 19.04
CA SER B 140 19.74 -13.10 18.02
C SER B 140 19.11 -12.16 17.00
N HIS B 141 19.74 -10.98 16.80
CA HIS B 141 19.19 -10.09 15.81
C HIS B 141 20.28 -9.49 14.93
N VAL B 142 19.86 -9.06 13.74
CA VAL B 142 20.67 -8.16 12.95
C VAL B 142 20.01 -6.77 12.99
N GLN B 143 20.83 -5.73 13.19
CA GLN B 143 20.30 -4.36 13.21
C GLN B 143 21.04 -3.52 12.19
N ALA B 144 20.35 -2.57 11.56
CA ALA B 144 21.02 -1.63 10.68
C ALA B 144 20.41 -0.25 10.89
N ARG B 145 21.27 0.76 10.87
CA ARG B 145 20.81 2.14 10.98
C ARG B 145 21.57 2.92 9.90
N ALA B 146 20.86 3.71 9.14
CA ALA B 146 21.44 4.33 7.95
C ALA B 146 21.09 5.82 7.86
N VAL B 147 22.04 6.65 7.41
CA VAL B 147 21.83 8.03 7.07
C VAL B 147 22.14 8.22 5.58
N VAL B 148 21.26 8.92 4.89
CA VAL B 148 21.57 9.28 3.49
C VAL B 148 21.57 10.80 3.35
N LEU B 149 22.39 11.27 2.42
CA LEU B 149 22.56 12.66 2.09
C LEU B 149 22.26 12.88 0.60
N LEU B 150 21.41 13.82 0.23
CA LEU B 150 21.09 14.06 -1.17
C LEU B 150 21.16 15.54 -1.55
N ASP B 151 21.45 15.79 -2.80
CA ASP B 151 21.60 17.11 -3.42
C ASP B 151 22.87 17.83 -2.98
N ARG C 2 29.81 16.25 3.53
CA ARG C 2 29.80 14.81 3.84
C ARG C 2 29.24 14.57 5.25
N ILE C 3 28.66 13.40 5.39
CA ILE C 3 28.13 12.96 6.68
C ILE C 3 28.67 11.58 7.01
N GLY C 4 28.80 11.24 8.28
CA GLY C 4 29.15 9.89 8.68
C GLY C 4 28.36 9.53 9.92
N TYR C 5 28.01 8.28 10.07
CA TYR C 5 27.20 7.77 11.16
C TYR C 5 27.97 6.62 11.83
N GLY C 6 28.07 6.60 13.15
CA GLY C 6 28.81 5.53 13.82
C GLY C 6 28.13 5.16 15.13
N GLU C 7 28.39 3.95 15.59
CA GLU C 7 27.81 3.45 16.84
C GLU C 7 28.87 2.67 17.61
N ASP C 8 28.71 2.62 18.93
CA ASP C 8 29.51 1.70 19.73
C ASP C 8 28.74 1.28 20.97
N SER C 9 29.13 0.16 21.56
CA SER C 9 28.57 -0.16 22.88
C SER C 9 29.56 -1.08 23.61
N HIS C 10 29.46 -1.08 24.94
CA HIS C 10 30.27 -1.99 25.74
C HIS C 10 29.49 -2.45 26.97
N ARG C 11 29.75 -3.71 27.37
CA ARG C 11 29.19 -4.12 28.66
C ARG C 11 29.93 -3.39 29.78
N LEU C 12 29.21 -3.19 30.88
CA LEU C 12 29.70 -2.45 32.02
C LEU C 12 29.84 -3.39 33.21
N GLU C 13 30.88 -3.24 34.01
CA GLU C 13 31.01 -4.12 35.18
C GLU C 13 31.29 -3.26 36.41
N GLU C 14 30.69 -3.61 37.53
CA GLU C 14 30.98 -2.92 38.79
C GLU C 14 32.48 -2.95 39.05
N GLY C 15 33.08 -1.85 39.52
CA GLY C 15 34.48 -1.86 39.88
C GLY C 15 35.51 -1.63 38.79
N ARG C 16 35.10 -1.30 37.57
CA ARG C 16 36.03 -1.05 36.47
C ARG C 16 35.98 0.44 36.11
N PRO C 17 37.06 1.01 35.59
CA PRO C 17 37.02 2.44 35.25
C PRO C 17 36.13 2.65 34.02
N LEU C 18 35.45 3.78 34.13
CA LEU C 18 34.57 4.23 33.05
C LEU C 18 35.24 5.38 32.30
N TYR C 19 35.52 5.17 31.01
CA TYR C 19 36.02 6.25 30.16
C TYR C 19 34.92 6.67 29.18
N LEU C 20 34.62 7.96 29.16
CA LEU C 20 33.70 8.51 28.16
C LEU C 20 34.20 9.86 27.68
N CYS C 21 34.14 10.04 26.35
CA CYS C 21 34.49 11.32 25.72
C CYS C 21 35.94 11.69 26.05
N GLY C 22 36.74 10.66 26.32
CA GLY C 22 38.16 10.90 26.57
C GLY C 22 38.42 11.09 28.05
N LEU C 23 37.37 11.03 28.88
CA LEU C 23 37.59 11.25 30.30
C LEU C 23 37.28 10.05 31.18
N LEU C 24 38.04 9.91 32.27
CA LEU C 24 37.66 8.91 33.26
C LEU C 24 36.63 9.49 34.23
N ILE C 25 35.48 8.81 34.28
CA ILE C 25 34.32 9.27 35.04
C ILE C 25 34.16 8.56 36.37
N PRO C 26 33.98 9.29 37.47
CA PRO C 26 33.65 8.61 38.74
C PRO C 26 32.39 7.77 38.55
N SER C 27 32.49 6.48 38.88
CA SER C 27 31.37 5.58 38.58
C SER C 27 31.51 4.25 39.34
N PRO C 28 30.41 3.61 39.66
CA PRO C 28 30.39 2.27 40.24
C PRO C 28 30.51 1.17 39.20
N VAL C 29 30.49 1.51 37.91
CA VAL C 29 30.69 0.55 36.84
C VAL C 29 31.57 1.14 35.71
N GLY C 30 32.17 0.26 34.94
CA GLY C 30 33.10 0.64 33.89
C GLY C 30 33.08 -0.42 32.80
N ALA C 31 33.70 -0.11 31.66
CA ALA C 31 33.53 -1.01 30.52
C ALA C 31 34.38 -2.26 30.71
N LEU C 32 33.77 -3.41 30.42
CA LEU C 32 34.50 -4.67 30.41
C LEU C 32 34.89 -4.98 28.96
N ALA C 33 35.98 -4.41 28.48
CA ALA C 33 36.37 -4.58 27.08
C ALA C 33 37.88 -4.63 26.89
N HIS C 34 38.33 -5.24 25.80
CA HIS C 34 39.77 -5.31 25.56
C HIS C 34 40.39 -3.92 25.54
N SER C 35 39.63 -2.90 25.18
CA SER C 35 40.12 -1.52 25.16
C SER C 35 39.63 -0.71 26.35
N ASP C 36 39.76 0.62 26.26
CA ASP C 36 39.25 1.48 27.33
C ASP C 36 37.74 1.54 27.31
N GLY C 37 37.12 0.91 26.33
CA GLY C 37 35.68 0.84 26.21
C GLY C 37 34.99 2.19 26.11
N ASP C 38 35.70 3.23 25.64
CA ASP C 38 35.07 4.54 25.48
C ASP C 38 34.15 4.56 24.26
N ALA C 39 32.87 4.27 24.51
CA ALA C 39 31.89 4.14 23.44
C ALA C 39 31.72 5.45 22.66
N ALA C 40 31.85 6.58 23.39
CA ALA C 40 31.67 7.86 22.70
C ALA C 40 32.78 8.07 21.68
N MET C 41 34.04 7.91 22.12
CA MET C 41 35.14 8.12 21.10
C MET C 41 35.10 7.05 20.09
N HIS C 42 34.66 5.83 20.29
CA HIS C 42 34.62 4.86 19.20
C HIS C 42 33.56 5.21 18.17
N ALA C 43 32.37 5.58 18.68
CA ALA C 43 31.31 5.94 17.74
C ALA C 43 31.72 7.09 16.84
N LEU C 44 32.34 8.11 17.43
CA LEU C 44 32.86 9.26 16.70
C LEU C 44 33.94 8.87 15.71
N THR C 45 34.82 7.96 16.09
CA THR C 45 35.88 7.49 15.20
C THR C 45 35.28 6.76 14.00
N ASP C 46 34.36 5.83 14.26
CA ASP C 46 33.67 5.14 13.17
C ASP C 46 32.92 6.12 12.28
N ALA C 47 32.26 7.12 12.89
CA ALA C 47 31.50 8.05 12.04
C ALA C 47 32.44 8.83 11.11
N LEU C 48 33.59 9.23 11.63
CA LEU C 48 34.60 9.92 10.82
C LEU C 48 35.12 9.02 9.71
N LEU C 49 35.48 7.80 10.05
CA LEU C 49 35.99 6.90 8.99
C LEU C 49 34.89 6.65 7.96
N SER C 50 33.66 6.51 8.42
CA SER C 50 32.55 6.19 7.53
C SER C 50 32.28 7.30 6.52
N ALA C 51 32.50 8.54 6.91
CA ALA C 51 32.27 9.69 6.02
C ALA C 51 33.20 9.70 4.82
N TYR C 52 34.27 8.91 4.84
CA TYR C 52 35.15 8.77 3.70
C TYR C 52 35.24 7.33 3.22
N GLY C 53 34.39 6.44 3.70
CA GLY C 53 34.39 5.05 3.28
C GLY C 53 35.67 4.30 3.64
N LEU C 54 36.34 4.79 4.69
CA LEU C 54 37.65 4.26 5.07
C LEU C 54 37.57 2.96 5.83
N GLY C 55 36.42 2.56 6.34
CA GLY C 55 36.35 1.28 7.06
C GLY C 55 35.75 1.50 8.42
N ASP C 56 36.26 0.78 9.41
CA ASP C 56 35.78 0.96 10.78
C ASP C 56 36.95 0.74 11.75
N ILE C 57 36.69 0.91 13.04
CA ILE C 57 37.82 0.85 13.98
C ILE C 57 38.42 -0.54 14.08
N GLY C 58 37.61 -1.57 13.88
CA GLY C 58 38.17 -2.92 13.90
C GLY C 58 39.12 -3.12 12.72
N LEU C 59 38.83 -2.50 11.58
CA LEU C 59 39.70 -2.66 10.42
C LEU C 59 40.99 -1.88 10.60
N LEU C 60 40.86 -0.64 11.06
CA LEU C 60 42.03 0.23 11.02
C LEU C 60 42.88 0.11 12.29
N PHE C 61 42.27 -0.30 13.39
CA PHE C 61 42.96 -0.42 14.67
C PHE C 61 42.78 -1.79 15.31
N PRO C 62 43.25 -2.82 14.64
CA PRO C 62 43.20 -4.19 15.22
C PRO C 62 44.27 -4.29 16.30
N ASP C 63 44.03 -4.91 17.45
CA ASP C 63 45.04 -4.91 18.51
C ASP C 63 46.32 -5.60 18.03
N THR C 64 46.15 -6.50 17.07
CA THR C 64 47.21 -7.12 16.30
C THR C 64 48.32 -6.16 15.89
N ASP C 65 48.06 -4.87 15.72
CA ASP C 65 49.13 -3.92 15.38
C ASP C 65 49.58 -3.21 16.66
N PRO C 66 50.89 -3.20 16.89
CA PRO C 66 51.44 -2.66 18.14
C PRO C 66 51.11 -1.19 18.29
N ARG C 67 50.89 -0.51 17.17
CA ARG C 67 50.62 0.93 17.29
C ARG C 67 49.33 1.19 18.07
N TRP C 68 48.47 0.19 18.12
CA TRP C 68 47.13 0.24 18.67
C TRP C 68 46.91 -0.45 20.01
N ARG C 69 47.71 -1.43 20.36
CA ARG C 69 47.65 -2.20 21.60
C ARG C 69 47.81 -1.46 22.92
N GLY C 70 46.82 -1.46 23.80
CA GLY C 70 46.91 -0.78 25.08
C GLY C 70 46.66 0.72 25.05
N GLU C 71 46.36 1.28 23.88
CA GLU C 71 46.26 2.70 23.68
C GLU C 71 44.88 3.26 24.05
N ARG C 72 44.84 4.46 24.56
CA ARG C 72 43.65 5.23 24.85
C ARG C 72 42.93 5.49 23.52
N SER C 73 41.60 5.47 23.55
CA SER C 73 40.83 5.69 22.33
C SER C 73 41.03 7.03 21.66
N GLU C 74 41.54 8.10 22.29
CA GLU C 74 41.83 9.33 21.57
C GLU C 74 42.90 9.16 20.49
N VAL C 75 43.71 8.11 20.65
CA VAL C 75 44.71 7.82 19.62
C VAL C 75 43.98 7.46 18.32
N PHE C 76 42.89 6.69 18.47
CA PHE C 76 42.21 6.21 17.26
C PHE C 76 41.46 7.37 16.61
N LEU C 77 40.82 8.21 17.45
CA LEU C 77 40.10 9.37 16.95
C LEU C 77 41.04 10.29 16.19
N ARG C 78 42.23 10.55 16.79
CA ARG C 78 43.09 11.50 16.12
C ARG C 78 43.65 10.94 14.81
N GLU C 79 43.79 9.63 14.76
CA GLU C 79 44.24 9.00 13.52
C GLU C 79 43.14 9.14 12.47
N ALA C 80 41.88 8.92 12.85
CA ALA C 80 40.79 9.11 11.87
C ALA C 80 40.72 10.56 11.40
N MET C 81 40.95 11.48 12.33
CA MET C 81 40.94 12.94 11.85
C MET C 81 42.12 13.12 10.91
N ARG C 82 43.28 12.56 11.17
CA ARG C 82 44.42 12.75 10.26
C ARG C 82 44.07 12.23 8.87
N LEU C 83 43.45 11.05 8.82
CA LEU C 83 43.11 10.45 7.54
C LEU C 83 42.11 11.28 6.78
N VAL C 84 41.04 11.76 7.43
CA VAL C 84 40.08 12.51 6.62
C VAL C 84 40.59 13.90 6.29
N GLU C 85 41.38 14.50 7.16
CA GLU C 85 42.02 15.80 6.89
C GLU C 85 42.94 15.69 5.66
N ALA C 86 43.61 14.56 5.54
CA ALA C 86 44.53 14.34 4.43
C ALA C 86 43.80 14.23 3.09
N ARG C 87 42.50 13.97 3.18
CA ARG C 87 41.62 13.80 2.03
C ARG C 87 40.87 15.09 1.76
N GLY C 88 41.18 16.18 2.47
CA GLY C 88 40.57 17.45 2.21
C GLY C 88 39.45 17.81 3.19
N ALA C 89 39.14 16.96 4.17
CA ALA C 89 37.97 17.21 5.01
C ALA C 89 38.21 18.33 6.03
N LYS C 90 37.12 19.07 6.23
CA LYS C 90 37.06 20.08 7.29
C LYS C 90 35.87 19.66 8.17
N LEU C 91 36.20 19.09 9.33
CA LEU C 91 35.13 18.66 10.23
C LEU C 91 34.37 19.88 10.75
N LEU C 92 33.03 19.85 10.71
CA LEU C 92 32.26 21.00 11.12
C LEU C 92 31.43 20.76 12.37
N GLN C 93 31.04 19.51 12.62
CA GLN C 93 30.07 19.26 13.69
C GLN C 93 30.05 17.79 14.09
N ALA C 94 29.79 17.56 15.38
CA ALA C 94 29.58 16.18 15.86
C ALA C 94 28.40 16.19 16.82
N SER C 95 27.46 15.28 16.58
CA SER C 95 26.26 15.26 17.44
C SER C 95 26.09 13.83 17.86
N LEU C 96 26.05 13.57 19.18
CA LEU C 96 26.01 12.17 19.58
C LEU C 96 25.18 12.01 20.86
N VAL C 97 24.70 10.78 21.05
CA VAL C 97 23.82 10.47 22.17
C VAL C 97 24.47 9.33 22.98
N LEU C 98 24.66 9.51 24.28
CA LEU C 98 25.16 8.44 25.12
C LEU C 98 23.99 7.84 25.90
N THR C 99 23.84 6.53 25.84
CA THR C 99 22.80 5.83 26.56
C THR C 99 23.45 5.01 27.69
N LEU C 100 23.05 5.37 28.92
CA LEU C 100 23.48 4.54 30.04
C LEU C 100 22.70 4.94 31.28
N ASP C 101 22.46 3.90 32.08
CA ASP C 101 21.55 4.14 33.21
C ASP C 101 22.27 4.87 34.34
N ARG C 102 23.50 4.49 34.59
CA ARG C 102 24.34 5.06 35.64
C ARG C 102 25.79 4.97 35.18
N PRO C 103 26.62 5.91 35.59
CA PRO C 103 26.25 7.03 36.44
C PRO C 103 25.59 8.16 35.66
N LYS C 104 24.97 9.09 36.39
CA LYS C 104 24.48 10.32 35.82
C LYS C 104 25.63 11.08 35.18
N LEU C 105 25.42 11.54 33.95
CA LEU C 105 26.52 12.27 33.30
C LEU C 105 26.31 13.76 33.33
N GLY C 106 25.08 14.18 33.62
CA GLY C 106 24.83 15.62 33.73
C GLY C 106 25.81 16.40 34.59
N PRO C 107 26.22 15.94 35.77
CA PRO C 107 27.21 16.70 36.54
C PRO C 107 28.54 16.90 35.82
N HIS C 108 28.78 16.07 34.81
CA HIS C 108 30.03 16.12 34.06
C HIS C 108 29.88 16.74 32.69
N ARG C 109 28.74 17.37 32.41
CA ARG C 109 28.47 17.89 31.07
C ARG C 109 29.55 18.83 30.58
N LYS C 110 29.95 19.80 31.42
CA LYS C 110 30.90 20.79 30.93
C LYS C 110 32.22 20.14 30.55
N ALA C 111 32.73 19.28 31.42
CA ALA C 111 33.99 18.58 31.11
C ALA C 111 33.91 17.65 29.92
N LEU C 112 32.78 16.95 29.77
CA LEU C 112 32.64 16.05 28.62
C LEU C 112 32.66 16.81 27.31
N VAL C 113 31.90 17.90 27.22
CA VAL C 113 31.84 18.71 26.01
C VAL C 113 33.19 19.40 25.77
N ASP C 114 33.81 19.91 26.84
CA ASP C 114 35.11 20.55 26.73
C ASP C 114 36.11 19.58 26.11
N SER C 115 36.04 18.33 26.54
CA SER C 115 37.01 17.33 26.07
C SER C 115 36.76 17.07 24.59
N LEU C 116 35.50 16.87 24.19
CA LEU C 116 35.22 16.65 22.76
C LEU C 116 35.60 17.87 21.93
N SER C 117 35.34 19.05 22.45
CA SER C 117 35.69 20.27 21.74
C SER C 117 37.19 20.33 21.50
N ARG C 118 37.99 20.03 22.51
CA ARG C 118 39.42 20.11 22.32
C ARG C 118 39.94 19.00 21.40
N LEU C 119 39.47 17.77 21.58
CA LEU C 119 39.90 16.61 20.82
C LEU C 119 39.58 16.82 19.34
N MET C 120 38.36 17.23 19.07
CA MET C 120 37.99 17.36 17.61
C MET C 120 38.26 18.86 16.89
N ARG C 121 38.80 19.67 17.79
CA ARG C 121 39.06 21.06 17.53
C ARG C 121 37.84 21.75 16.92
N LEU C 122 36.70 21.60 17.61
CA LEU C 122 35.44 22.22 17.26
C LEU C 122 34.98 23.19 18.36
N PRO C 123 34.31 24.25 17.94
CA PRO C 123 33.70 25.21 18.88
C PRO C 123 32.63 24.50 19.71
N GLN C 124 32.38 25.02 20.91
CA GLN C 124 31.49 24.26 21.80
C GLN C 124 30.08 24.15 21.23
N ASP C 125 29.64 25.09 20.41
CA ASP C 125 28.29 25.03 19.86
C ASP C 125 28.16 24.00 18.74
N ARG C 126 29.28 23.42 18.34
CA ARG C 126 29.35 22.42 17.27
C ARG C 126 29.61 21.03 17.82
N ILE C 127 29.57 20.88 19.14
CA ILE C 127 29.58 19.64 19.88
C ILE C 127 28.18 19.44 20.46
N GLY C 128 27.47 18.46 19.92
CA GLY C 128 26.10 18.21 20.37
C GLY C 128 26.02 16.95 21.17
N LEU C 129 26.10 17.04 22.49
CA LEU C 129 26.17 15.85 23.33
C LEU C 129 24.88 15.81 24.16
N THR C 130 24.19 14.68 24.14
CA THR C 130 22.98 14.47 24.91
C THR C 130 23.09 13.12 25.62
N PHE C 131 22.45 13.03 26.78
CA PHE C 131 22.47 11.80 27.56
C PHE C 131 21.09 11.19 27.78
N LYS C 132 21.02 9.86 27.78
CA LYS C 132 19.76 9.24 28.19
C LYS C 132 20.02 7.95 28.96
N THR C 133 19.00 7.57 29.75
CA THR C 133 19.03 6.22 30.33
C THR C 133 18.46 5.24 29.32
N SER C 134 18.47 3.96 29.68
CA SER C 134 17.98 2.96 28.74
C SER C 134 16.55 2.57 29.11
N GLU C 135 16.08 3.22 30.17
CA GLU C 135 14.75 2.93 30.72
C GLU C 135 14.62 1.41 30.90
N GLY C 136 15.70 0.80 31.41
CA GLY C 136 15.74 -0.61 31.70
C GLY C 136 16.01 -1.56 30.56
N LEU C 137 16.16 -1.07 29.34
CA LEU C 137 16.37 -1.94 28.17
C LEU C 137 17.79 -2.52 28.15
N ALA C 138 18.78 -1.78 28.63
CA ALA C 138 20.18 -2.15 28.61
C ALA C 138 20.91 -1.70 29.86
N PRO C 139 20.54 -2.18 31.04
CA PRO C 139 21.07 -1.59 32.27
C PRO C 139 22.53 -1.91 32.50
N SER C 140 23.09 -2.88 31.76
CA SER C 140 24.49 -3.21 31.99
C SER C 140 25.38 -2.84 30.82
N HIS C 141 24.95 -1.89 29.99
CA HIS C 141 25.72 -1.47 28.83
C HIS C 141 25.78 0.06 28.73
N VAL C 142 26.87 0.50 28.12
CA VAL C 142 26.88 1.88 27.63
C VAL C 142 26.81 1.84 26.11
N GLN C 143 26.02 2.72 25.54
CA GLN C 143 25.80 2.78 24.10
C GLN C 143 26.00 4.22 23.63
N ALA C 144 26.55 4.35 22.41
CA ALA C 144 26.76 5.66 21.83
C ALA C 144 26.46 5.64 20.32
N ARG C 145 25.80 6.70 19.86
CA ARG C 145 25.48 6.77 18.42
C ARG C 145 25.80 8.19 18.00
N ALA C 146 26.54 8.33 16.89
CA ALA C 146 27.03 9.65 16.55
C ALA C 146 26.87 9.99 15.06
N VAL C 147 26.57 11.23 14.77
CA VAL C 147 26.65 11.74 13.40
C VAL C 147 27.72 12.82 13.32
N VAL C 148 28.52 12.79 12.26
CA VAL C 148 29.42 13.91 12.01
C VAL C 148 29.10 14.59 10.68
N LEU C 149 29.40 15.88 10.64
CA LEU C 149 29.19 16.67 9.43
C LEU C 149 30.52 17.29 9.01
N LEU C 150 30.92 17.17 7.75
CA LEU C 150 32.20 17.72 7.29
C LEU C 150 31.97 18.58 6.04
N ASP C 151 32.75 19.64 5.95
CA ASP C 151 32.66 20.65 4.91
C ASP C 151 31.40 21.50 5.06
N ARG D 2 -5.73 -10.02 -23.05
CA ARG D 2 -6.12 -9.95 -21.65
C ARG D 2 -7.44 -9.20 -21.49
N ILE D 3 -8.19 -9.55 -20.46
CA ILE D 3 -9.39 -8.79 -20.11
C ILE D 3 -9.32 -8.39 -18.65
N GLY D 4 -9.96 -7.29 -18.31
CA GLY D 4 -10.06 -6.85 -16.90
C GLY D 4 -11.47 -6.32 -16.67
N TYR D 5 -12.00 -6.50 -15.47
CA TYR D 5 -13.34 -6.04 -15.11
C TYR D 5 -13.25 -5.28 -13.80
N GLY D 6 -13.92 -4.13 -13.73
CA GLY D 6 -13.86 -3.34 -12.51
C GLY D 6 -15.16 -2.57 -12.30
N GLU D 7 -15.40 -2.20 -11.05
CA GLU D 7 -16.63 -1.56 -10.64
C GLU D 7 -16.35 -0.43 -9.67
N ASP D 8 -17.23 0.55 -9.59
CA ASP D 8 -17.12 1.53 -8.51
C ASP D 8 -18.50 2.13 -8.29
N SER D 9 -18.69 2.64 -7.07
CA SER D 9 -19.87 3.45 -6.83
C SER D 9 -19.55 4.47 -5.75
N HIS D 10 -20.34 5.52 -5.76
CA HIS D 10 -20.20 6.54 -4.71
C HIS D 10 -21.55 7.15 -4.38
N ARG D 11 -21.70 7.49 -3.10
CA ARG D 11 -22.95 8.16 -2.72
C ARG D 11 -22.92 9.56 -3.30
N LEU D 12 -24.10 10.05 -3.68
CA LEU D 12 -24.23 11.40 -4.22
C LEU D 12 -24.87 12.32 -3.19
N GLU D 13 -24.29 13.51 -3.01
CA GLU D 13 -24.98 14.45 -2.11
C GLU D 13 -25.21 15.76 -2.83
N GLU D 14 -26.26 16.49 -2.49
CA GLU D 14 -26.50 17.81 -3.07
C GLU D 14 -25.35 18.77 -2.82
N GLY D 15 -25.01 19.59 -3.82
CA GLY D 15 -24.06 20.67 -3.63
C GLY D 15 -22.59 20.31 -3.65
N ARG D 16 -22.21 19.11 -4.03
CA ARG D 16 -20.84 18.63 -4.19
C ARG D 16 -20.53 18.51 -5.67
N PRO D 17 -19.30 18.75 -6.07
CA PRO D 17 -18.98 18.72 -7.51
C PRO D 17 -19.01 17.27 -8.00
N LEU D 18 -19.52 17.12 -9.22
CA LEU D 18 -19.59 15.82 -9.86
C LEU D 18 -18.43 15.66 -10.85
N TYR D 19 -17.64 14.62 -10.66
CA TYR D 19 -16.52 14.31 -11.54
C TYR D 19 -16.79 12.99 -12.25
N LEU D 20 -16.79 13.05 -13.58
CA LEU D 20 -16.90 11.82 -14.37
C LEU D 20 -15.97 11.83 -15.57
N CYS D 21 -15.26 10.73 -15.73
CA CYS D 21 -14.35 10.52 -16.85
C CYS D 21 -13.29 11.63 -16.89
N GLY D 22 -12.99 12.14 -15.70
CA GLY D 22 -11.98 13.15 -15.51
C GLY D 22 -12.48 14.57 -15.63
N LEU D 23 -13.77 14.74 -15.91
CA LEU D 23 -14.35 16.07 -16.11
C LEU D 23 -15.28 16.50 -14.99
N LEU D 24 -15.30 17.80 -14.69
CA LEU D 24 -16.34 18.35 -13.83
C LEU D 24 -17.62 18.40 -14.67
N ILE D 25 -18.69 17.80 -14.20
CA ILE D 25 -20.00 17.90 -14.81
C ILE D 25 -20.91 18.77 -13.97
N PRO D 26 -21.44 19.85 -14.53
CA PRO D 26 -22.47 20.64 -13.84
C PRO D 26 -23.63 19.78 -13.38
N SER D 27 -24.01 19.86 -12.12
CA SER D 27 -24.95 18.94 -11.51
C SER D 27 -25.47 19.39 -10.15
N PRO D 28 -26.70 18.98 -9.82
CA PRO D 28 -27.23 19.32 -8.49
C PRO D 28 -26.63 18.42 -7.42
N VAL D 29 -25.97 17.34 -7.86
CA VAL D 29 -25.35 16.42 -6.92
C VAL D 29 -23.93 16.03 -7.34
N GLY D 30 -23.17 15.54 -6.37
CA GLY D 30 -21.79 15.13 -6.60
C GLY D 30 -21.37 14.14 -5.54
N ALA D 31 -20.21 13.49 -5.78
CA ALA D 31 -19.84 12.39 -4.91
C ALA D 31 -19.54 12.87 -3.49
N LEU D 32 -19.95 12.03 -2.53
CA LEU D 32 -19.50 12.22 -1.16
C LEU D 32 -18.51 11.07 -0.90
N ALA D 33 -17.25 11.46 -0.90
CA ALA D 33 -16.11 10.56 -0.83
C ALA D 33 -14.86 11.30 -0.39
N HIS D 34 -13.85 10.55 0.06
CA HIS D 34 -12.59 11.24 0.38
C HIS D 34 -11.90 11.55 -0.94
N SER D 35 -12.20 10.74 -1.95
CA SER D 35 -11.70 10.94 -3.31
C SER D 35 -12.55 11.94 -4.06
N ASP D 36 -12.27 12.09 -5.35
CA ASP D 36 -13.10 12.95 -6.19
C ASP D 36 -14.35 12.20 -6.63
N GLY D 37 -14.40 10.94 -6.24
CA GLY D 37 -15.60 10.15 -6.41
C GLY D 37 -15.86 9.86 -7.88
N ASP D 38 -14.81 9.95 -8.70
CA ASP D 38 -15.04 9.75 -10.15
C ASP D 38 -15.15 8.25 -10.40
N ALA D 39 -16.40 7.79 -10.37
CA ALA D 39 -16.66 6.36 -10.42
C ALA D 39 -16.16 5.79 -11.73
N ALA D 40 -16.23 6.56 -12.82
CA ALA D 40 -15.75 6.01 -14.10
C ALA D 40 -14.24 5.76 -14.07
N MET D 41 -13.51 6.78 -13.63
CA MET D 41 -12.06 6.61 -13.51
C MET D 41 -11.76 5.44 -12.61
N HIS D 42 -12.41 5.34 -11.44
CA HIS D 42 -12.03 4.26 -10.51
C HIS D 42 -12.31 2.90 -11.11
N ALA D 43 -13.47 2.76 -11.77
CA ALA D 43 -13.80 1.45 -12.36
C ALA D 43 -12.81 1.03 -13.44
N LEU D 44 -12.46 2.00 -14.31
CA LEU D 44 -11.46 1.72 -15.33
C LEU D 44 -10.11 1.39 -14.72
N THR D 45 -9.73 2.07 -13.65
CA THR D 45 -8.43 1.83 -13.01
C THR D 45 -8.40 0.42 -12.47
N ASP D 46 -9.48 0.07 -11.77
CA ASP D 46 -9.55 -1.28 -11.21
C ASP D 46 -9.53 -2.30 -12.32
N ALA D 47 -10.22 -2.05 -13.45
CA ALA D 47 -10.24 -3.05 -14.52
C ALA D 47 -8.85 -3.26 -15.13
N LEU D 48 -8.11 -2.16 -15.29
CA LEU D 48 -6.74 -2.25 -15.78
C LEU D 48 -5.85 -3.02 -14.80
N LEU D 49 -5.96 -2.68 -13.53
CA LEU D 49 -5.15 -3.40 -12.55
C LEU D 49 -5.50 -4.90 -12.55
N SER D 50 -6.80 -5.21 -12.58
CA SER D 50 -7.29 -6.58 -12.55
C SER D 50 -6.76 -7.36 -13.76
N ALA D 51 -6.65 -6.73 -14.93
CA ALA D 51 -6.14 -7.48 -16.08
C ALA D 51 -4.73 -7.99 -15.90
N TYR D 52 -3.96 -7.55 -14.92
CA TYR D 52 -2.63 -8.07 -14.64
C TYR D 52 -2.50 -8.58 -13.23
N GLY D 53 -3.62 -8.70 -12.52
CA GLY D 53 -3.67 -9.28 -11.19
C GLY D 53 -2.91 -8.40 -10.22
N LEU D 54 -2.89 -7.10 -10.52
CA LEU D 54 -2.06 -6.21 -9.71
C LEU D 54 -2.71 -5.74 -8.43
N GLY D 55 -3.97 -6.02 -8.21
CA GLY D 55 -4.62 -5.61 -6.98
C GLY D 55 -5.81 -4.71 -7.31
N ASP D 56 -6.03 -3.70 -6.46
CA ASP D 56 -7.14 -2.79 -6.72
C ASP D 56 -6.75 -1.39 -6.28
N ILE D 57 -7.63 -0.41 -6.48
CA ILE D 57 -7.22 0.96 -6.22
C ILE D 57 -7.03 1.26 -4.75
N GLY D 58 -7.72 0.58 -3.85
CA GLY D 58 -7.48 0.83 -2.41
C GLY D 58 -6.15 0.25 -1.98
N LEU D 59 -5.67 -0.81 -2.64
CA LEU D 59 -4.37 -1.37 -2.33
C LEU D 59 -3.27 -0.47 -2.90
N LEU D 60 -3.38 -0.08 -4.16
CA LEU D 60 -2.31 0.65 -4.82
C LEU D 60 -2.33 2.15 -4.60
N PHE D 61 -3.49 2.74 -4.34
CA PHE D 61 -3.56 4.19 -4.16
C PHE D 61 -4.18 4.62 -2.85
N PRO D 62 -3.66 4.14 -1.72
CA PRO D 62 -4.31 4.43 -0.44
C PRO D 62 -4.10 5.88 -0.06
N ASP D 63 -5.03 6.50 0.67
CA ASP D 63 -4.71 7.93 0.83
C ASP D 63 -3.65 8.13 1.92
N THR D 64 -3.27 7.06 2.56
CA THR D 64 -2.16 7.02 3.52
C THR D 64 -0.83 7.26 2.83
N ASP D 65 -0.79 7.18 1.50
CA ASP D 65 0.43 7.44 0.73
C ASP D 65 0.40 8.85 0.16
N PRO D 66 1.40 9.64 0.54
CA PRO D 66 1.56 11.03 0.15
C PRO D 66 1.55 11.30 -1.35
N ARG D 67 1.92 10.31 -2.17
CA ARG D 67 1.90 10.52 -3.62
C ARG D 67 0.49 10.56 -4.16
N TRP D 68 -0.45 9.93 -3.44
CA TRP D 68 -1.78 9.80 -4.04
C TRP D 68 -2.84 10.59 -3.30
N ARG D 69 -2.59 10.91 -2.03
CA ARG D 69 -3.66 11.52 -1.25
C ARG D 69 -4.07 12.87 -1.85
N GLY D 70 -5.37 13.08 -1.99
CA GLY D 70 -5.86 14.39 -2.46
C GLY D 70 -5.72 14.53 -3.96
N GLU D 71 -5.19 13.52 -4.64
CA GLU D 71 -4.97 13.65 -6.09
C GLU D 71 -6.24 13.30 -6.88
N ARG D 72 -6.31 13.91 -8.06
CA ARG D 72 -7.32 13.60 -9.05
C ARG D 72 -7.26 12.14 -9.47
N SER D 73 -8.42 11.56 -9.73
CA SER D 73 -8.51 10.17 -10.15
C SER D 73 -7.72 9.86 -11.40
N GLU D 74 -7.52 10.84 -12.28
CA GLU D 74 -6.77 10.57 -13.51
C GLU D 74 -5.34 10.22 -13.15
N VAL D 75 -4.88 10.73 -12.00
CA VAL D 75 -3.51 10.31 -11.63
C VAL D 75 -3.38 8.81 -11.45
N PHE D 76 -4.39 8.20 -10.81
CA PHE D 76 -4.39 6.76 -10.54
C PHE D 76 -4.58 6.00 -11.85
N LEU D 77 -5.50 6.41 -12.72
CA LEU D 77 -5.63 5.80 -14.04
C LEU D 77 -4.30 5.79 -14.79
N ARG D 78 -3.61 6.93 -14.82
CA ARG D 78 -2.35 6.97 -15.57
C ARG D 78 -1.29 6.09 -14.93
N GLU D 79 -1.26 6.04 -13.59
CA GLU D 79 -0.28 5.12 -13.00
C GLU D 79 -0.64 3.67 -13.33
N ALA D 80 -1.93 3.32 -13.26
CA ALA D 80 -2.28 1.94 -13.65
C ALA D 80 -1.89 1.67 -15.10
N MET D 81 -2.09 2.63 -15.98
CA MET D 81 -1.71 2.55 -17.36
C MET D 81 -0.15 2.35 -17.46
N ARG D 82 0.61 3.14 -16.72
CA ARG D 82 2.07 2.94 -16.64
C ARG D 82 2.44 1.52 -16.23
N LEU D 83 1.82 1.05 -15.16
CA LEU D 83 2.12 -0.28 -14.67
C LEU D 83 1.81 -1.39 -15.66
N VAL D 84 0.67 -1.38 -16.35
CA VAL D 84 0.37 -2.49 -17.27
C VAL D 84 1.22 -2.37 -18.54
N GLU D 85 1.48 -1.14 -18.99
CA GLU D 85 2.40 -0.93 -20.11
C GLU D 85 3.80 -1.44 -19.80
N ALA D 86 4.29 -1.26 -18.57
CA ALA D 86 5.59 -1.79 -18.17
C ALA D 86 5.61 -3.31 -18.26
N ARG D 87 4.45 -3.95 -18.21
CA ARG D 87 4.36 -5.41 -18.30
C ARG D 87 4.01 -5.91 -19.71
N GLY D 88 4.06 -5.00 -20.67
CA GLY D 88 3.96 -5.23 -22.10
C GLY D 88 2.57 -5.03 -22.67
N ALA D 89 1.65 -4.49 -21.87
CA ALA D 89 0.27 -4.32 -22.29
C ALA D 89 0.13 -3.32 -23.44
N LYS D 90 -0.77 -3.67 -24.34
CA LYS D 90 -1.22 -2.72 -25.34
C LYS D 90 -2.73 -2.62 -25.15
N LEU D 91 -3.19 -1.55 -24.52
CA LEU D 91 -4.64 -1.38 -24.35
C LEU D 91 -5.30 -1.23 -25.71
N LEU D 92 -6.40 -1.95 -25.91
CA LEU D 92 -7.14 -2.02 -27.14
C LEU D 92 -8.49 -1.31 -27.03
N GLN D 93 -9.14 -1.45 -25.87
CA GLN D 93 -10.54 -1.02 -25.81
C GLN D 93 -11.02 -0.90 -24.36
N ALA D 94 -11.94 0.04 -24.15
CA ALA D 94 -12.57 0.15 -22.83
C ALA D 94 -14.09 0.34 -23.05
N SER D 95 -14.89 -0.50 -22.42
CA SER D 95 -16.35 -0.36 -22.50
C SER D 95 -16.94 -0.22 -21.11
N LEU D 96 -17.71 0.83 -20.82
CA LEU D 96 -18.22 0.96 -19.47
C LEU D 96 -19.59 1.57 -19.44
N VAL D 97 -20.31 1.28 -18.36
CA VAL D 97 -21.67 1.80 -18.22
C VAL D 97 -21.71 2.68 -16.99
N LEU D 98 -22.28 3.87 -17.11
CA LEU D 98 -22.43 4.71 -15.91
C LEU D 98 -23.93 4.70 -15.58
N THR D 99 -24.25 4.41 -14.32
CA THR D 99 -25.62 4.44 -13.83
C THR D 99 -25.83 5.60 -12.89
N LEU D 100 -26.74 6.49 -13.26
CA LEU D 100 -27.08 7.60 -12.38
C LEU D 100 -28.33 8.33 -12.89
N ASP D 101 -29.15 8.66 -11.92
CA ASP D 101 -30.47 9.22 -12.23
C ASP D 101 -30.35 10.65 -12.77
N ARG D 102 -29.49 11.48 -12.20
CA ARG D 102 -29.23 12.83 -12.67
C ARG D 102 -27.80 13.24 -12.39
N PRO D 103 -27.27 14.21 -13.09
CA PRO D 103 -27.94 14.88 -14.21
C PRO D 103 -27.91 14.05 -15.49
N LYS D 104 -28.57 14.57 -16.53
CA LYS D 104 -28.50 13.93 -17.83
C LYS D 104 -27.08 14.04 -18.37
N LEU D 105 -26.49 12.92 -18.77
CA LEU D 105 -25.12 12.95 -19.30
C LEU D 105 -25.08 13.09 -20.80
N GLY D 106 -26.18 12.83 -21.53
CA GLY D 106 -26.18 13.00 -22.97
C GLY D 106 -25.60 14.30 -23.44
N PRO D 107 -25.87 15.46 -22.86
CA PRO D 107 -25.26 16.68 -23.43
C PRO D 107 -23.76 16.72 -23.22
N HIS D 108 -23.22 15.86 -22.38
CA HIS D 108 -21.77 15.83 -22.15
C HIS D 108 -21.06 14.68 -22.83
N ARG D 109 -21.80 13.89 -23.61
CA ARG D 109 -21.31 12.65 -24.17
C ARG D 109 -20.00 12.84 -24.94
N LYS D 110 -20.04 13.79 -25.86
CA LYS D 110 -18.85 14.03 -26.67
C LYS D 110 -17.63 14.37 -25.82
N ALA D 111 -17.84 15.26 -24.86
CA ALA D 111 -16.72 15.66 -24.00
C ALA D 111 -16.21 14.49 -23.16
N LEU D 112 -17.10 13.63 -22.66
CA LEU D 112 -16.71 12.52 -21.81
C LEU D 112 -15.95 11.48 -22.60
N VAL D 113 -16.46 11.13 -23.78
CA VAL D 113 -15.74 10.20 -24.65
C VAL D 113 -14.41 10.78 -25.12
N ASP D 114 -14.41 12.08 -25.47
CA ASP D 114 -13.13 12.69 -25.82
C ASP D 114 -12.09 12.58 -24.70
N SER D 115 -12.53 12.81 -23.47
CA SER D 115 -11.67 12.74 -22.31
C SER D 115 -11.10 11.32 -22.16
N LEU D 116 -11.95 10.30 -22.20
CA LEU D 116 -11.42 8.94 -22.06
C LEU D 116 -10.50 8.58 -23.20
N SER D 117 -10.84 8.99 -24.43
CA SER D 117 -9.97 8.73 -25.58
C SER D 117 -8.61 9.37 -25.39
N ARG D 118 -8.57 10.60 -24.86
CA ARG D 118 -7.29 11.29 -24.64
C ARG D 118 -6.46 10.68 -23.52
N LEU D 119 -7.08 10.37 -22.40
CA LEU D 119 -6.42 9.80 -21.22
C LEU D 119 -5.91 8.40 -21.53
N MET D 120 -6.77 7.59 -22.18
CA MET D 120 -6.28 6.20 -22.48
C MET D 120 -5.55 6.02 -23.82
N ARG D 121 -5.40 7.09 -24.59
CA ARG D 121 -4.82 7.02 -25.93
C ARG D 121 -5.48 5.96 -26.79
N LEU D 122 -6.81 5.98 -26.84
CA LEU D 122 -7.56 5.06 -27.67
C LEU D 122 -8.41 5.82 -28.69
N PRO D 123 -8.60 5.25 -29.87
CA PRO D 123 -9.47 5.95 -30.82
C PRO D 123 -10.91 5.95 -30.32
N GLN D 124 -11.67 6.91 -30.87
CA GLN D 124 -13.00 7.10 -30.29
C GLN D 124 -13.90 5.88 -30.48
N ASP D 125 -13.66 5.07 -31.49
CA ASP D 125 -14.43 3.87 -31.73
C ASP D 125 -14.11 2.74 -30.75
N ARG D 126 -13.07 2.94 -29.95
CA ARG D 126 -12.63 1.97 -28.96
C ARG D 126 -12.90 2.43 -27.54
N ILE D 127 -13.63 3.53 -27.41
CA ILE D 127 -14.20 3.98 -26.15
C ILE D 127 -15.71 3.69 -26.21
N GLY D 128 -16.14 2.77 -25.37
CA GLY D 128 -17.56 2.41 -25.42
C GLY D 128 -18.27 2.90 -24.15
N LEU D 129 -18.85 4.09 -24.18
CA LEU D 129 -19.49 4.65 -22.98
C LEU D 129 -21.00 4.65 -23.12
N THR D 130 -21.75 4.09 -22.17
CA THR D 130 -23.20 4.20 -22.26
C THR D 130 -23.74 4.66 -20.92
N PHE D 131 -24.88 5.31 -20.92
CA PHE D 131 -25.44 5.86 -19.70
C PHE D 131 -26.80 5.25 -19.38
N LYS D 132 -27.11 5.08 -18.09
CA LYS D 132 -28.43 4.59 -17.73
C LYS D 132 -28.86 5.25 -16.42
N THR D 133 -30.18 5.34 -16.21
CA THR D 133 -30.65 5.69 -14.87
C THR D 133 -30.75 4.42 -14.02
N SER D 134 -31.04 4.61 -12.73
CA SER D 134 -31.14 3.44 -11.86
C SER D 134 -32.58 2.95 -11.76
N GLU D 135 -33.45 3.67 -12.47
CA GLU D 135 -34.87 3.33 -12.44
C GLU D 135 -35.38 3.25 -11.00
N GLY D 136 -34.80 4.08 -10.13
CA GLY D 136 -35.24 4.17 -8.75
C GLY D 136 -34.57 3.23 -7.78
N LEU D 137 -33.70 2.35 -8.26
CA LEU D 137 -33.01 1.33 -7.47
C LEU D 137 -31.88 1.95 -6.67
N ALA D 138 -31.34 3.06 -7.19
CA ALA D 138 -30.23 3.70 -6.50
C ALA D 138 -30.16 5.18 -6.83
N PRO D 139 -31.17 5.89 -6.36
CA PRO D 139 -31.34 7.29 -6.74
C PRO D 139 -30.28 8.23 -6.14
N SER D 140 -29.54 7.76 -5.15
CA SER D 140 -28.53 8.58 -4.47
C SER D 140 -27.12 8.05 -4.67
N HIS D 141 -26.91 7.26 -5.72
CA HIS D 141 -25.53 6.90 -6.04
C HIS D 141 -25.26 7.05 -7.54
N VAL D 142 -23.98 7.18 -7.84
CA VAL D 142 -23.41 6.96 -9.16
C VAL D 142 -22.70 5.61 -9.16
N GLN D 143 -22.90 4.79 -10.19
CA GLN D 143 -22.25 3.49 -10.28
C GLN D 143 -21.56 3.40 -11.62
N ALA D 144 -20.45 2.70 -11.73
CA ALA D 144 -19.74 2.46 -12.97
C ALA D 144 -19.30 1.00 -12.98
N ARG D 145 -19.46 0.35 -14.13
CA ARG D 145 -18.91 -0.98 -14.37
C ARG D 145 -18.14 -0.95 -15.69
N ALA D 146 -16.91 -1.46 -15.71
CA ALA D 146 -16.05 -1.33 -16.88
C ALA D 146 -15.38 -2.64 -17.27
N VAL D 147 -15.30 -2.88 -18.58
CA VAL D 147 -14.46 -3.97 -19.08
C VAL D 147 -13.36 -3.38 -19.95
N VAL D 148 -12.14 -3.88 -19.82
CA VAL D 148 -11.03 -3.48 -20.68
C VAL D 148 -10.47 -4.72 -21.40
N LEU D 149 -9.99 -4.49 -22.61
CA LEU D 149 -9.35 -5.49 -23.47
C LEU D 149 -7.95 -5.02 -23.85
N LEU D 150 -6.96 -5.90 -23.67
CA LEU D 150 -5.58 -5.54 -23.95
C LEU D 150 -4.90 -6.62 -24.80
N ASP D 151 -4.06 -6.15 -25.68
CA ASP D 151 -3.18 -6.84 -26.61
C ASP D 151 -3.77 -7.07 -27.99
N ARG E 2 -13.09 -7.18 -30.66
CA ARG E 2 -13.73 -6.15 -29.87
C ARG E 2 -14.64 -6.72 -28.79
N ILE E 3 -14.82 -5.90 -27.75
CA ILE E 3 -15.74 -6.26 -26.69
C ILE E 3 -16.67 -5.10 -26.40
N GLY E 4 -17.82 -5.45 -25.85
CA GLY E 4 -18.75 -4.42 -25.43
C GLY E 4 -19.54 -4.86 -24.21
N TYR E 5 -19.94 -3.89 -23.40
CA TYR E 5 -20.60 -4.15 -22.12
C TYR E 5 -21.81 -3.24 -21.99
N GLY E 6 -22.96 -3.82 -21.62
CA GLY E 6 -24.18 -3.04 -21.57
C GLY E 6 -25.04 -3.50 -20.39
N GLU E 7 -25.88 -2.59 -19.91
CA GLU E 7 -26.75 -2.89 -18.78
C GLU E 7 -28.13 -2.29 -19.05
N ASP E 8 -29.17 -2.89 -18.50
CA ASP E 8 -30.49 -2.26 -18.38
C ASP E 8 -31.22 -2.77 -17.16
N SER E 9 -32.24 -2.00 -16.75
CA SER E 9 -33.11 -2.45 -15.67
C SER E 9 -34.42 -1.70 -15.78
N HIS E 10 -35.46 -2.35 -15.26
CA HIS E 10 -36.79 -1.75 -15.26
C HIS E 10 -37.52 -2.10 -13.97
N ARG E 11 -38.36 -1.15 -13.55
CA ARG E 11 -39.25 -1.40 -12.42
C ARG E 11 -40.34 -2.39 -12.84
N LEU E 12 -40.76 -3.28 -11.95
CA LEU E 12 -41.79 -4.24 -12.27
C LEU E 12 -43.10 -3.88 -11.57
N GLU E 13 -44.18 -4.02 -12.32
CA GLU E 13 -45.50 -3.67 -11.79
C GLU E 13 -46.46 -4.85 -11.95
N GLU E 14 -47.24 -5.17 -10.91
CA GLU E 14 -48.18 -6.28 -11.01
C GLU E 14 -49.15 -6.03 -12.17
N GLY E 15 -49.40 -7.12 -12.90
CA GLY E 15 -50.34 -7.19 -13.97
C GLY E 15 -49.89 -6.49 -15.24
N ARG E 16 -48.59 -6.21 -15.37
CA ARG E 16 -48.08 -5.68 -16.63
C ARG E 16 -47.39 -6.81 -17.41
N PRO E 17 -47.20 -6.67 -18.71
CA PRO E 17 -46.50 -7.72 -19.45
C PRO E 17 -44.99 -7.64 -19.25
N LEU E 18 -44.40 -8.83 -19.17
CA LEU E 18 -42.97 -8.96 -19.02
C LEU E 18 -42.37 -9.55 -20.30
N TYR E 19 -41.51 -8.77 -20.91
CA TYR E 19 -40.77 -9.27 -22.07
C TYR E 19 -39.29 -9.47 -21.75
N LEU E 20 -38.79 -10.64 -22.08
CA LEU E 20 -37.35 -10.91 -21.92
C LEU E 20 -36.81 -11.68 -23.11
N CYS E 21 -35.75 -11.16 -23.73
CA CYS E 21 -35.16 -11.79 -24.90
C CYS E 21 -36.18 -11.94 -26.03
N GLY E 22 -37.16 -11.06 -26.07
CA GLY E 22 -38.17 -11.07 -27.12
C GLY E 22 -39.41 -11.88 -26.76
N LEU E 23 -39.39 -12.58 -25.64
CA LEU E 23 -40.46 -13.49 -25.27
C LEU E 23 -41.39 -12.88 -24.25
N LEU E 24 -42.70 -13.09 -24.45
CA LEU E 24 -43.60 -12.75 -23.34
C LEU E 24 -43.48 -13.80 -22.24
N ILE E 25 -43.15 -13.45 -21.00
CA ILE E 25 -43.05 -14.36 -19.88
C ILE E 25 -44.27 -14.33 -18.96
N PRO E 26 -45.00 -15.44 -18.89
CA PRO E 26 -46.12 -15.52 -17.95
C PRO E 26 -45.59 -15.10 -16.58
N SER E 27 -46.20 -14.08 -16.01
CA SER E 27 -45.67 -13.46 -14.79
C SER E 27 -46.68 -12.59 -14.06
N PRO E 28 -46.65 -12.61 -12.73
CA PRO E 28 -47.53 -11.73 -11.96
C PRO E 28 -47.13 -10.26 -12.13
N VAL E 29 -45.92 -10.00 -12.61
CA VAL E 29 -45.42 -8.64 -12.80
C VAL E 29 -44.72 -8.49 -14.15
N GLY E 30 -44.65 -7.24 -14.60
CA GLY E 30 -44.10 -6.85 -15.89
C GLY E 30 -43.51 -5.45 -15.79
N ALA E 31 -42.84 -5.05 -16.86
CA ALA E 31 -42.08 -3.81 -16.93
C ALA E 31 -42.99 -2.61 -17.15
N LEU E 32 -42.76 -1.62 -16.31
CA LEU E 32 -43.43 -0.34 -16.41
C LEU E 32 -42.60 0.62 -17.26
N ALA E 33 -42.98 0.87 -18.52
CA ALA E 33 -42.11 1.76 -19.31
C ALA E 33 -42.72 2.24 -20.62
N HIS E 34 -42.01 3.19 -21.24
CA HIS E 34 -42.43 3.81 -22.49
C HIS E 34 -42.32 2.80 -23.64
N SER E 35 -41.53 1.79 -23.35
CA SER E 35 -41.04 0.69 -24.12
C SER E 35 -41.65 -0.64 -23.73
N ASP E 36 -41.31 -1.69 -24.49
CA ASP E 36 -41.72 -3.03 -24.08
C ASP E 36 -40.94 -3.46 -22.84
N GLY E 37 -39.91 -2.70 -22.44
CA GLY E 37 -39.26 -2.94 -21.16
C GLY E 37 -38.34 -4.12 -21.12
N ASP E 38 -37.87 -4.56 -22.29
CA ASP E 38 -37.12 -5.81 -22.36
C ASP E 38 -35.66 -5.55 -21.96
N ALA E 39 -35.35 -5.86 -20.70
CA ALA E 39 -34.04 -5.46 -20.22
C ALA E 39 -32.94 -6.27 -20.90
N ALA E 40 -33.20 -7.53 -21.24
CA ALA E 40 -32.19 -8.33 -21.91
C ALA E 40 -31.82 -7.75 -23.28
N MET E 41 -32.85 -7.43 -24.07
CA MET E 41 -32.60 -6.89 -25.40
C MET E 41 -31.87 -5.46 -25.31
N HIS E 42 -32.31 -4.65 -24.38
CA HIS E 42 -31.70 -3.34 -24.16
C HIS E 42 -30.24 -3.48 -23.75
N ALA E 43 -29.91 -4.37 -22.80
CA ALA E 43 -28.49 -4.50 -22.42
C ALA E 43 -27.65 -4.96 -23.60
N LEU E 44 -28.20 -5.90 -24.37
CA LEU E 44 -27.45 -6.45 -25.50
C LEU E 44 -27.27 -5.39 -26.59
N THR E 45 -28.32 -4.60 -26.81
CA THR E 45 -28.18 -3.53 -27.80
C THR E 45 -27.11 -2.54 -27.40
N ASP E 46 -27.17 -2.06 -26.15
CA ASP E 46 -26.12 -1.14 -25.67
C ASP E 46 -24.73 -1.77 -25.75
N ALA E 47 -24.61 -3.05 -25.42
CA ALA E 47 -23.30 -3.72 -25.51
C ALA E 47 -22.78 -3.68 -26.95
N LEU E 48 -23.65 -3.99 -27.91
CA LEU E 48 -23.21 -3.91 -29.31
C LEU E 48 -22.80 -2.51 -29.74
N LEU E 49 -23.60 -1.51 -29.39
CA LEU E 49 -23.26 -0.13 -29.76
C LEU E 49 -21.95 0.27 -29.13
N SER E 50 -21.77 -0.15 -27.87
CA SER E 50 -20.57 0.24 -27.13
C SER E 50 -19.30 -0.34 -27.73
N ALA E 51 -19.39 -1.54 -28.27
CA ALA E 51 -18.28 -2.20 -28.94
C ALA E 51 -17.74 -1.34 -30.09
N TYR E 52 -18.52 -0.42 -30.64
CA TYR E 52 -17.97 0.45 -31.68
C TYR E 52 -18.05 1.93 -31.29
N GLY E 53 -18.32 2.24 -30.02
CA GLY E 53 -18.41 3.60 -29.51
C GLY E 53 -19.53 4.42 -30.13
N LEU E 54 -20.59 3.73 -30.56
CA LEU E 54 -21.65 4.41 -31.31
C LEU E 54 -22.64 5.19 -30.47
N GLY E 55 -22.64 5.00 -29.16
CA GLY E 55 -23.60 5.70 -28.32
C GLY E 55 -24.36 4.73 -27.45
N ASP E 56 -25.62 5.00 -27.17
CA ASP E 56 -26.42 4.06 -26.40
C ASP E 56 -27.87 4.13 -26.90
N ILE E 57 -28.72 3.26 -26.37
CA ILE E 57 -30.03 3.18 -27.04
C ILE E 57 -30.81 4.48 -26.93
N GLY E 58 -30.55 5.26 -25.88
CA GLY E 58 -31.24 6.53 -25.70
C GLY E 58 -30.87 7.51 -26.79
N LEU E 59 -29.58 7.48 -27.15
CA LEU E 59 -29.11 8.36 -28.21
C LEU E 59 -29.63 7.93 -29.58
N LEU E 60 -29.54 6.64 -29.88
CA LEU E 60 -29.76 6.19 -31.25
C LEU E 60 -31.22 5.86 -31.55
N PHE E 61 -32.01 5.60 -30.52
CA PHE E 61 -33.41 5.16 -30.74
C PHE E 61 -34.41 6.00 -30.00
N PRO E 62 -34.42 7.32 -30.14
CA PRO E 62 -35.34 8.16 -29.38
C PRO E 62 -36.78 8.05 -29.87
N ASP E 63 -37.73 8.22 -28.93
CA ASP E 63 -39.10 8.03 -29.44
C ASP E 63 -39.56 9.28 -30.19
N THR E 64 -38.72 10.31 -30.24
CA THR E 64 -38.88 11.49 -31.07
C THR E 64 -38.82 11.11 -32.56
N ASP E 65 -38.19 9.98 -32.84
CA ASP E 65 -38.03 9.53 -34.23
C ASP E 65 -39.10 8.54 -34.62
N PRO E 66 -39.92 8.86 -35.62
CA PRO E 66 -41.02 7.96 -36.00
C PRO E 66 -40.60 6.54 -36.39
N ARG E 67 -39.38 6.35 -36.89
CA ARG E 67 -38.81 5.06 -37.23
C ARG E 67 -38.73 4.11 -36.01
N TRP E 68 -38.54 4.69 -34.84
CA TRP E 68 -38.24 3.93 -33.64
C TRP E 68 -39.37 4.00 -32.64
N ARG E 69 -40.23 5.03 -32.74
CA ARG E 69 -41.22 5.18 -31.71
C ARG E 69 -42.20 4.00 -31.73
N GLY E 70 -42.44 3.48 -30.53
CA GLY E 70 -43.36 2.36 -30.40
C GLY E 70 -42.89 1.04 -30.95
N GLU E 71 -41.65 0.87 -31.41
CA GLU E 71 -41.23 -0.43 -31.95
C GLU E 71 -40.78 -1.37 -30.85
N ARG E 72 -40.90 -2.66 -31.08
CA ARG E 72 -40.38 -3.66 -30.16
C ARG E 72 -38.86 -3.65 -30.18
N SER E 73 -38.28 -4.06 -29.04
CA SER E 73 -36.85 -3.92 -28.80
C SER E 73 -36.01 -4.69 -29.78
N GLU E 74 -36.52 -5.76 -30.37
CA GLU E 74 -35.72 -6.50 -31.33
C GLU E 74 -35.38 -5.61 -32.54
N VAL E 75 -36.23 -4.62 -32.78
CA VAL E 75 -35.96 -3.68 -33.87
C VAL E 75 -34.65 -2.97 -33.61
N PHE E 76 -34.44 -2.53 -32.37
CA PHE E 76 -33.23 -1.80 -32.02
C PHE E 76 -32.00 -2.69 -32.01
N LEU E 77 -32.17 -3.93 -31.55
CA LEU E 77 -31.07 -4.85 -31.56
C LEU E 77 -30.64 -5.13 -32.99
N ARG E 78 -31.60 -5.33 -33.88
CA ARG E 78 -31.21 -5.67 -35.27
C ARG E 78 -30.60 -4.44 -35.95
N GLU E 79 -31.02 -3.26 -35.52
CA GLU E 79 -30.38 -2.08 -36.14
C GLU E 79 -28.96 -1.93 -35.59
N ALA E 80 -28.79 -2.18 -34.28
CA ALA E 80 -27.41 -2.13 -33.78
C ALA E 80 -26.55 -3.16 -34.52
N MET E 81 -27.08 -4.35 -34.79
CA MET E 81 -26.38 -5.33 -35.48
C MET E 81 -25.86 -4.81 -36.94
N ARG E 82 -26.85 -4.21 -37.59
CA ARG E 82 -26.62 -3.67 -38.94
C ARG E 82 -25.53 -2.61 -38.90
N LEU E 83 -25.60 -1.72 -37.90
CA LEU E 83 -24.55 -0.70 -37.76
C LEU E 83 -23.17 -1.32 -37.57
N VAL E 84 -23.02 -2.33 -36.71
CA VAL E 84 -21.65 -2.81 -36.48
C VAL E 84 -21.19 -3.69 -37.63
N GLU E 85 -22.13 -4.40 -38.25
CA GLU E 85 -21.80 -5.23 -39.40
C GLU E 85 -21.34 -4.32 -40.55
N ALA E 86 -21.95 -3.14 -40.66
CA ALA E 86 -21.51 -2.27 -41.76
C ALA E 86 -20.09 -1.78 -41.54
N ARG E 87 -19.58 -1.91 -40.32
CA ARG E 87 -18.24 -1.45 -39.95
C ARG E 87 -17.25 -2.61 -39.95
N GLY E 88 -17.77 -3.77 -40.38
CA GLY E 88 -16.94 -4.94 -40.61
C GLY E 88 -16.95 -5.92 -39.47
N ALA E 89 -17.74 -5.63 -38.42
CA ALA E 89 -17.74 -6.59 -37.31
C ALA E 89 -18.46 -7.87 -37.63
N LYS E 90 -17.97 -8.94 -36.99
CA LYS E 90 -18.65 -10.22 -36.96
C LYS E 90 -18.93 -10.56 -35.51
N LEU E 91 -20.19 -10.55 -35.12
CA LEU E 91 -20.54 -10.94 -33.75
C LEU E 91 -20.19 -12.41 -33.51
N LEU E 92 -19.52 -12.69 -32.39
CA LEU E 92 -19.06 -14.04 -32.08
C LEU E 92 -19.78 -14.61 -30.86
N GLN E 93 -20.08 -13.77 -29.86
CA GLN E 93 -20.60 -14.33 -28.60
C GLN E 93 -21.39 -13.29 -27.83
N ALA E 94 -22.42 -13.74 -27.12
CA ALA E 94 -23.07 -12.87 -26.16
C ALA E 94 -23.20 -13.62 -24.83
N SER E 95 -22.90 -12.97 -23.74
CA SER E 95 -23.00 -13.61 -22.42
C SER E 95 -23.71 -12.61 -21.50
N LEU E 96 -24.86 -13.01 -20.95
CA LEU E 96 -25.60 -12.07 -20.13
C LEU E 96 -26.28 -12.74 -18.93
N VAL E 97 -26.49 -11.88 -17.94
CA VAL E 97 -27.09 -12.30 -16.68
C VAL E 97 -28.38 -11.50 -16.49
N LEU E 98 -29.46 -12.23 -16.24
CA LEU E 98 -30.73 -11.67 -15.89
C LEU E 98 -30.99 -11.86 -14.38
N THR E 99 -31.26 -10.75 -13.72
CA THR E 99 -31.53 -10.72 -12.29
C THR E 99 -32.98 -10.36 -12.06
N LEU E 100 -33.67 -11.31 -11.43
CA LEU E 100 -35.01 -10.97 -10.97
C LEU E 100 -35.56 -12.11 -10.10
N ASP E 101 -36.33 -11.63 -9.12
CA ASP E 101 -36.74 -12.54 -8.07
C ASP E 101 -37.80 -13.53 -8.51
N ARG E 102 -38.72 -13.08 -9.34
CA ARG E 102 -39.80 -13.88 -9.90
C ARG E 102 -40.30 -13.25 -11.19
N PRO E 103 -40.86 -14.03 -12.08
CA PRO E 103 -41.00 -15.48 -11.99
C PRO E 103 -39.71 -16.26 -12.24
N LYS E 104 -39.76 -17.57 -12.04
CA LYS E 104 -38.66 -18.48 -12.38
C LYS E 104 -38.48 -18.46 -13.89
N LEU E 105 -37.29 -18.19 -14.38
CA LEU E 105 -37.06 -18.19 -15.83
C LEU E 105 -36.63 -19.58 -16.30
N GLY E 106 -36.18 -20.44 -15.39
CA GLY E 106 -35.80 -21.79 -15.73
C GLY E 106 -36.74 -22.52 -16.66
N PRO E 107 -38.05 -22.51 -16.45
CA PRO E 107 -38.97 -23.19 -17.38
C PRO E 107 -38.98 -22.63 -18.78
N HIS E 108 -38.47 -21.41 -18.96
CA HIS E 108 -38.41 -20.80 -20.27
C HIS E 108 -37.01 -20.77 -20.87
N ARG E 109 -36.04 -21.38 -20.21
CA ARG E 109 -34.67 -21.32 -20.71
C ARG E 109 -34.50 -21.71 -22.17
N LYS E 110 -35.06 -22.82 -22.66
CA LYS E 110 -34.82 -23.15 -24.07
C LYS E 110 -35.37 -22.06 -25.00
N ALA E 111 -36.56 -21.56 -24.72
CA ALA E 111 -37.17 -20.57 -25.61
C ALA E 111 -36.38 -19.26 -25.59
N LEU E 112 -35.90 -18.88 -24.41
CA LEU E 112 -35.10 -17.67 -24.34
C LEU E 112 -33.77 -17.78 -25.06
N VAL E 113 -33.07 -18.92 -24.88
CA VAL E 113 -31.80 -19.06 -25.60
C VAL E 113 -32.05 -19.13 -27.11
N ASP E 114 -33.05 -19.89 -27.53
CA ASP E 114 -33.37 -19.99 -28.96
C ASP E 114 -33.65 -18.62 -29.55
N SER E 115 -34.37 -17.78 -28.80
CA SER E 115 -34.71 -16.47 -29.31
C SER E 115 -33.44 -15.66 -29.58
N LEU E 116 -32.54 -15.64 -28.58
CA LEU E 116 -31.30 -14.88 -28.72
C LEU E 116 -30.44 -15.43 -29.86
N SER E 117 -30.40 -16.75 -29.94
CA SER E 117 -29.65 -17.43 -30.98
C SER E 117 -30.09 -16.98 -32.36
N ARG E 118 -31.41 -16.95 -32.53
CA ARG E 118 -31.93 -16.58 -33.84
C ARG E 118 -31.88 -15.08 -34.08
N LEU E 119 -32.12 -14.25 -33.07
CA LEU E 119 -32.10 -12.79 -33.25
C LEU E 119 -30.72 -12.32 -33.62
N MET E 120 -29.72 -12.88 -32.90
CA MET E 120 -28.39 -12.58 -33.05
C MET E 120 -27.37 -13.44 -34.09
N ARG E 121 -28.09 -14.46 -34.54
CA ARG E 121 -27.61 -15.44 -35.52
C ARG E 121 -26.28 -16.04 -35.05
N LEU E 122 -26.31 -16.54 -33.82
CA LEU E 122 -25.23 -17.21 -33.14
C LEU E 122 -25.73 -18.61 -32.76
N PRO E 123 -24.81 -19.56 -32.78
CA PRO E 123 -25.16 -20.92 -32.39
C PRO E 123 -25.38 -20.93 -30.88
N GLN E 124 -26.07 -21.96 -30.40
CA GLN E 124 -26.52 -22.00 -29.02
C GLN E 124 -25.35 -21.97 -28.04
N ASP E 125 -24.21 -22.53 -28.42
CA ASP E 125 -23.04 -22.55 -27.55
C ASP E 125 -22.38 -21.18 -27.39
N ARG E 126 -22.77 -20.21 -28.19
CA ARG E 126 -22.24 -18.86 -28.13
C ARG E 126 -23.27 -17.87 -27.57
N ILE E 127 -24.34 -18.40 -27.02
CA ILE E 127 -25.31 -17.65 -26.23
C ILE E 127 -25.18 -18.12 -24.77
N GLY E 128 -24.64 -17.22 -23.94
CA GLY E 128 -24.42 -17.53 -22.54
C GLY E 128 -25.45 -16.81 -21.71
N LEU E 129 -26.50 -17.51 -21.31
CA LEU E 129 -27.59 -16.85 -20.58
C LEU E 129 -27.67 -17.47 -19.20
N THR E 130 -27.53 -16.68 -18.15
CA THR E 130 -27.73 -17.21 -16.79
C THR E 130 -28.76 -16.39 -16.04
N PHE E 131 -29.46 -16.97 -15.08
CA PHE E 131 -30.52 -16.36 -14.28
C PHE E 131 -30.16 -16.34 -12.81
N LYS E 132 -30.45 -15.26 -12.10
CA LYS E 132 -30.25 -15.14 -10.67
C LYS E 132 -31.39 -14.36 -10.05
N THR E 133 -31.66 -14.65 -8.76
CA THR E 133 -32.57 -13.73 -8.08
C THR E 133 -31.74 -12.58 -7.53
N SER E 134 -32.36 -11.61 -6.88
CA SER E 134 -31.60 -10.51 -6.31
C SER E 134 -31.38 -10.71 -4.80
N GLU E 135 -31.87 -11.85 -4.32
CA GLU E 135 -31.75 -12.21 -2.91
C GLU E 135 -32.36 -11.12 -2.05
N GLY E 136 -33.40 -10.46 -2.55
CA GLY E 136 -34.11 -9.45 -1.82
C GLY E 136 -33.58 -8.03 -1.92
N LEU E 137 -32.48 -7.81 -2.64
CA LEU E 137 -31.91 -6.49 -2.85
C LEU E 137 -32.78 -5.65 -3.77
N ALA E 138 -33.36 -6.27 -4.80
CA ALA E 138 -34.12 -5.57 -5.82
C ALA E 138 -35.37 -6.34 -6.24
N PRO E 139 -36.29 -6.52 -5.31
CA PRO E 139 -37.46 -7.37 -5.54
C PRO E 139 -38.50 -6.77 -6.47
N SER E 140 -38.41 -5.49 -6.84
CA SER E 140 -39.39 -4.86 -7.70
C SER E 140 -38.76 -4.42 -9.01
N HIS E 141 -37.62 -5.02 -9.34
CA HIS E 141 -36.97 -4.69 -10.60
C HIS E 141 -36.46 -5.94 -11.33
N VAL E 142 -36.29 -5.74 -12.63
CA VAL E 142 -35.59 -6.74 -13.44
C VAL E 142 -34.30 -6.06 -13.93
N GLN E 143 -33.19 -6.73 -13.87
CA GLN E 143 -31.89 -6.18 -14.26
C GLN E 143 -31.22 -7.10 -15.27
N ALA E 144 -30.50 -6.54 -16.24
CA ALA E 144 -29.69 -7.33 -17.17
C ALA E 144 -28.34 -6.66 -17.34
N ARG E 145 -27.33 -7.49 -17.49
CA ARG E 145 -25.95 -7.07 -17.71
C ARG E 145 -25.36 -8.01 -18.75
N ALA E 146 -24.77 -7.46 -19.82
CA ALA E 146 -24.34 -8.28 -20.93
C ALA E 146 -22.95 -7.92 -21.44
N VAL E 147 -22.17 -8.93 -21.80
CA VAL E 147 -20.93 -8.71 -22.52
C VAL E 147 -21.05 -9.33 -23.91
N VAL E 148 -20.57 -8.65 -24.95
CA VAL E 148 -20.51 -9.21 -26.29
C VAL E 148 -19.06 -9.18 -26.79
N LEU E 149 -18.75 -10.13 -27.68
CA LEU E 149 -17.45 -10.25 -28.28
C LEU E 149 -17.60 -10.30 -29.79
N LEU E 150 -16.81 -9.51 -30.51
CA LEU E 150 -16.88 -9.53 -31.97
C LEU E 150 -15.50 -9.69 -32.56
N ASP E 151 -15.45 -10.34 -33.73
CA ASP E 151 -14.24 -10.58 -34.48
C ASP E 151 -13.37 -11.71 -33.91
N ARG F 2 -13.25 -17.26 -26.30
CA ARG F 2 -14.56 -17.24 -25.69
C ARG F 2 -14.53 -16.37 -24.43
N ILE F 3 -15.68 -15.78 -24.15
CA ILE F 3 -15.82 -14.99 -22.93
C ILE F 3 -17.08 -15.46 -22.22
N GLY F 4 -17.10 -15.31 -20.90
CA GLY F 4 -18.26 -15.66 -20.10
C GLY F 4 -18.41 -14.63 -18.99
N TYR F 5 -19.64 -14.33 -18.61
CA TYR F 5 -19.92 -13.35 -17.56
C TYR F 5 -20.92 -13.95 -16.58
N GLY F 6 -20.67 -13.85 -15.28
CA GLY F 6 -21.53 -14.43 -14.28
C GLY F 6 -21.62 -13.52 -13.07
N GLU F 7 -22.71 -13.66 -12.34
CA GLU F 7 -22.96 -12.90 -11.12
C GLU F 7 -23.49 -13.79 -10.00
N ASP F 8 -23.28 -13.39 -8.76
CA ASP F 8 -24.00 -14.06 -7.67
C ASP F 8 -24.16 -13.05 -6.54
N SER F 9 -25.09 -13.32 -5.64
CA SER F 9 -25.17 -12.53 -4.43
C SER F 9 -25.82 -13.40 -3.35
N HIS F 10 -25.54 -13.01 -2.12
CA HIS F 10 -26.16 -13.71 -0.99
C HIS F 10 -26.41 -12.71 0.14
N ARG F 11 -27.57 -12.87 0.77
CA ARG F 11 -27.84 -12.16 2.01
C ARG F 11 -26.86 -12.62 3.09
N LEU F 12 -26.42 -11.68 3.92
CA LEU F 12 -25.50 -11.92 5.00
C LEU F 12 -26.22 -11.87 6.34
N GLU F 13 -25.86 -12.81 7.20
CA GLU F 13 -26.50 -12.79 8.54
C GLU F 13 -25.46 -12.98 9.62
N GLU F 14 -25.71 -12.34 10.77
CA GLU F 14 -24.79 -12.55 11.89
C GLU F 14 -24.66 -14.02 12.28
N GLY F 15 -23.44 -14.42 12.60
CA GLY F 15 -23.18 -15.72 13.19
C GLY F 15 -23.09 -16.85 12.19
N ARG F 16 -23.06 -16.54 10.89
CA ARG F 16 -22.92 -17.58 9.88
C ARG F 16 -21.51 -17.47 9.35
N PRO F 17 -20.95 -18.57 8.88
CA PRO F 17 -19.58 -18.44 8.36
C PRO F 17 -19.63 -17.86 6.95
N LEU F 18 -18.52 -17.16 6.67
CA LEU F 18 -18.39 -16.48 5.39
C LEU F 18 -17.37 -17.22 4.55
N TYR F 19 -17.84 -17.70 3.39
CA TYR F 19 -16.95 -18.39 2.47
C TYR F 19 -16.76 -17.53 1.22
N LEU F 20 -15.49 -17.26 0.91
CA LEU F 20 -15.16 -16.58 -0.33
C LEU F 20 -13.97 -17.22 -1.03
N CYS F 21 -14.10 -17.48 -2.33
CA CYS F 21 -13.01 -18.03 -3.11
C CYS F 21 -12.53 -19.35 -2.50
N GLY F 22 -13.44 -20.06 -1.85
CA GLY F 22 -13.18 -21.40 -1.36
C GLY F 22 -12.73 -21.40 0.09
N LEU F 23 -12.50 -20.22 0.65
CA LEU F 23 -11.95 -20.10 1.99
C LEU F 23 -12.90 -19.54 3.04
N LEU F 24 -12.78 -20.02 4.28
CA LEU F 24 -13.50 -19.37 5.37
C LEU F 24 -12.78 -18.07 5.69
N ILE F 25 -13.52 -16.98 5.71
CA ILE F 25 -13.07 -15.67 6.11
C ILE F 25 -13.66 -15.26 7.45
N PRO F 26 -12.86 -15.14 8.50
CA PRO F 26 -13.40 -14.73 9.82
C PRO F 26 -14.22 -13.45 9.67
N SER F 27 -15.44 -13.47 10.17
CA SER F 27 -16.42 -12.43 9.89
C SER F 27 -17.60 -12.41 10.86
N PRO F 28 -18.18 -11.25 11.12
CA PRO F 28 -19.35 -11.21 12.02
C PRO F 28 -20.57 -11.71 11.28
N VAL F 29 -20.48 -11.72 9.95
CA VAL F 29 -21.63 -12.14 9.12
C VAL F 29 -21.23 -13.13 8.04
N GLY F 30 -22.21 -13.92 7.57
CA GLY F 30 -21.90 -14.98 6.64
C GLY F 30 -23.12 -15.34 5.82
N ALA F 31 -22.95 -16.10 4.76
CA ALA F 31 -24.13 -16.23 3.88
C ALA F 31 -25.23 -17.03 4.56
N LEU F 32 -26.44 -16.54 4.38
CA LEU F 32 -27.65 -17.30 4.69
C LEU F 32 -28.05 -18.05 3.43
N ALA F 33 -27.71 -19.34 3.37
CA ALA F 33 -28.09 -20.01 2.12
C ALA F 33 -28.12 -21.52 2.31
N HIS F 34 -28.67 -22.22 1.31
CA HIS F 34 -28.61 -23.67 1.31
C HIS F 34 -27.21 -24.12 0.92
N SER F 35 -26.51 -23.21 0.25
CA SER F 35 -25.15 -23.39 -0.23
C SER F 35 -24.14 -22.99 0.84
N ASP F 36 -22.87 -22.88 0.46
CA ASP F 36 -21.96 -22.27 1.42
C ASP F 36 -22.00 -20.76 1.18
N GLY F 37 -22.85 -20.36 0.24
CA GLY F 37 -23.03 -18.98 -0.15
C GLY F 37 -21.80 -18.29 -0.69
N ASP F 38 -20.86 -19.03 -1.28
CA ASP F 38 -19.61 -18.47 -1.78
C ASP F 38 -19.90 -17.74 -3.09
N ALA F 39 -20.07 -16.44 -2.98
CA ALA F 39 -20.53 -15.66 -4.13
C ALA F 39 -19.45 -15.65 -5.19
N ALA F 40 -18.19 -15.66 -4.77
CA ALA F 40 -17.12 -15.62 -5.77
C ALA F 40 -17.09 -16.90 -6.58
N MET F 41 -17.16 -18.04 -5.91
CA MET F 41 -17.14 -19.31 -6.71
C MET F 41 -18.38 -19.52 -7.60
N HIS F 42 -19.54 -19.11 -7.09
CA HIS F 42 -20.76 -19.19 -7.90
C HIS F 42 -20.69 -18.26 -9.11
N ALA F 43 -20.26 -17.02 -8.91
CA ALA F 43 -20.14 -16.15 -10.11
C ALA F 43 -19.14 -16.69 -11.11
N LEU F 44 -17.98 -17.16 -10.65
CA LEU F 44 -17.01 -17.76 -11.58
C LEU F 44 -17.55 -19.00 -12.29
N THR F 45 -18.32 -19.81 -11.57
CA THR F 45 -18.91 -21.01 -12.15
C THR F 45 -19.91 -20.67 -13.24
N ASP F 46 -20.83 -19.77 -12.94
CA ASP F 46 -21.80 -19.31 -13.93
C ASP F 46 -21.09 -18.72 -15.14
N ALA F 47 -20.00 -17.97 -14.90
CA ALA F 47 -19.32 -17.40 -16.06
C ALA F 47 -18.71 -18.48 -16.95
N LEU F 48 -18.15 -19.52 -16.33
CA LEU F 48 -17.55 -20.59 -17.10
C LEU F 48 -18.64 -21.30 -17.91
N LEU F 49 -19.75 -21.60 -17.22
CA LEU F 49 -20.86 -22.25 -17.93
C LEU F 49 -21.35 -21.38 -19.08
N SER F 50 -21.56 -20.09 -18.79
CA SER F 50 -22.00 -19.16 -19.83
C SER F 50 -21.14 -19.16 -21.08
N ALA F 51 -19.83 -19.29 -20.91
CA ALA F 51 -18.89 -19.19 -22.02
C ALA F 51 -19.12 -20.31 -23.03
N TYR F 52 -19.83 -21.37 -22.63
CA TYR F 52 -20.10 -22.47 -23.57
C TYR F 52 -21.59 -22.68 -23.75
N GLY F 53 -22.41 -21.80 -23.16
CA GLY F 53 -23.85 -21.89 -23.32
C GLY F 53 -24.43 -23.05 -22.56
N LEU F 54 -23.78 -23.37 -21.43
CA LEU F 54 -24.16 -24.64 -20.79
C LEU F 54 -25.26 -24.51 -19.77
N GLY F 55 -25.64 -23.28 -19.43
CA GLY F 55 -26.66 -23.09 -18.41
C GLY F 55 -26.13 -22.26 -17.27
N ASP F 56 -26.64 -22.56 -16.08
CA ASP F 56 -26.20 -21.85 -14.89
C ASP F 56 -26.19 -22.82 -13.71
N ILE F 57 -25.75 -22.32 -12.57
CA ILE F 57 -25.55 -23.26 -11.46
C ILE F 57 -26.86 -23.86 -10.96
N GLY F 58 -27.98 -23.17 -11.04
CA GLY F 58 -29.24 -23.73 -10.59
C GLY F 58 -29.69 -24.83 -11.55
N LEU F 59 -29.34 -24.70 -12.82
CA LEU F 59 -29.68 -25.75 -13.78
C LEU F 59 -28.84 -27.00 -13.54
N LEU F 60 -27.53 -26.81 -13.48
CA LEU F 60 -26.54 -27.87 -13.49
C LEU F 60 -26.26 -28.44 -12.10
N PHE F 61 -26.40 -27.67 -11.03
CA PHE F 61 -26.08 -28.22 -9.70
C PHE F 61 -27.20 -27.96 -8.71
N PRO F 62 -28.41 -28.43 -9.00
CA PRO F 62 -29.53 -28.19 -8.09
C PRO F 62 -29.50 -29.10 -6.86
N ASP F 63 -30.25 -28.75 -5.83
CA ASP F 63 -30.30 -29.49 -4.58
C ASP F 63 -30.99 -30.84 -4.67
N THR F 64 -31.79 -31.03 -5.71
CA THR F 64 -32.51 -32.26 -5.98
C THR F 64 -31.58 -33.38 -6.40
N ASP F 65 -30.37 -33.00 -6.85
CA ASP F 65 -29.38 -33.99 -7.32
C ASP F 65 -28.45 -34.40 -6.19
N PRO F 66 -28.54 -35.65 -5.75
CA PRO F 66 -27.70 -36.08 -4.63
C PRO F 66 -26.21 -35.87 -4.87
N ARG F 67 -25.73 -35.67 -6.09
CA ARG F 67 -24.28 -35.55 -6.24
C ARG F 67 -23.85 -34.14 -5.87
N TRP F 68 -24.83 -33.24 -5.83
CA TRP F 68 -24.45 -31.84 -5.61
C TRP F 68 -24.93 -31.29 -4.29
N ARG F 69 -25.98 -31.92 -3.76
CA ARG F 69 -26.55 -31.43 -2.51
C ARG F 69 -25.54 -31.34 -1.38
N GLY F 70 -25.34 -30.10 -0.92
CA GLY F 70 -24.56 -29.97 0.31
C GLY F 70 -23.08 -29.95 0.01
N GLU F 71 -22.77 -29.84 -1.27
CA GLU F 71 -21.34 -29.91 -1.60
C GLU F 71 -20.75 -28.51 -1.57
N ARG F 72 -19.45 -28.48 -1.35
CA ARG F 72 -18.74 -27.21 -1.46
C ARG F 72 -18.80 -26.59 -2.83
N SER F 73 -18.86 -25.26 -2.87
CA SER F 73 -18.98 -24.60 -4.16
C SER F 73 -17.83 -24.94 -5.09
N GLU F 74 -16.66 -25.26 -4.51
CA GLU F 74 -15.51 -25.59 -5.33
C GLU F 74 -15.79 -26.84 -6.18
N VAL F 75 -16.63 -27.75 -5.69
CA VAL F 75 -17.01 -28.92 -6.48
C VAL F 75 -17.70 -28.49 -7.78
N PHE F 76 -18.56 -27.47 -7.69
CA PHE F 76 -19.31 -27.06 -8.89
C PHE F 76 -18.38 -26.38 -9.88
N LEU F 77 -17.48 -25.56 -9.36
CA LEU F 77 -16.50 -24.92 -10.22
C LEU F 77 -15.64 -25.95 -10.94
N ARG F 78 -15.18 -26.98 -10.21
CA ARG F 78 -14.33 -27.96 -10.89
C ARG F 78 -15.14 -28.70 -11.97
N GLU F 79 -16.43 -28.91 -11.72
CA GLU F 79 -17.21 -29.60 -12.76
C GLU F 79 -17.44 -28.69 -13.95
N ALA F 80 -17.63 -27.39 -13.73
CA ALA F 80 -17.77 -26.50 -14.86
C ALA F 80 -16.48 -26.54 -15.66
N MET F 81 -15.36 -26.58 -14.92
CA MET F 81 -14.08 -26.67 -15.49
C MET F 81 -13.91 -28.00 -16.49
N ARG F 82 -14.40 -29.06 -15.86
CA ARG F 82 -14.39 -30.35 -16.58
C ARG F 82 -15.17 -30.25 -17.89
N LEU F 83 -16.35 -29.64 -17.82
CA LEU F 83 -17.25 -29.62 -18.96
C LEU F 83 -16.67 -28.78 -20.09
N VAL F 84 -16.08 -27.63 -19.76
CA VAL F 84 -15.61 -26.75 -20.82
C VAL F 84 -14.33 -27.34 -21.39
N GLU F 85 -13.50 -27.96 -20.56
CA GLU F 85 -12.26 -28.57 -21.04
C GLU F 85 -12.55 -29.71 -22.02
N ALA F 86 -13.63 -30.41 -21.74
CA ALA F 86 -14.06 -31.54 -22.57
C ALA F 86 -14.52 -31.04 -23.94
N ARG F 87 -14.82 -29.76 -24.01
CA ARG F 87 -15.22 -29.12 -25.28
C ARG F 87 -14.04 -28.40 -25.92
N GLY F 88 -12.84 -28.60 -25.40
CA GLY F 88 -11.57 -28.15 -25.94
C GLY F 88 -11.10 -26.84 -25.35
N ALA F 89 -11.87 -26.27 -24.42
CA ALA F 89 -11.56 -24.97 -23.83
C ALA F 89 -10.24 -24.96 -23.06
N LYS F 90 -9.53 -23.86 -23.13
CA LYS F 90 -8.33 -23.55 -22.38
C LYS F 90 -8.59 -22.27 -21.58
N LEU F 91 -8.91 -22.44 -20.30
CA LEU F 91 -9.19 -21.23 -19.50
C LEU F 91 -7.93 -20.37 -19.41
N LEU F 92 -8.08 -19.07 -19.66
CA LEU F 92 -6.93 -18.20 -19.76
C LEU F 92 -6.89 -17.19 -18.62
N GLN F 93 -8.05 -16.64 -18.22
CA GLN F 93 -8.08 -15.58 -17.25
C GLN F 93 -9.44 -15.51 -16.56
N ALA F 94 -9.43 -15.03 -15.33
CA ALA F 94 -10.66 -14.68 -14.63
C ALA F 94 -10.48 -13.33 -13.95
N SER F 95 -11.44 -12.43 -14.11
CA SER F 95 -11.45 -11.12 -13.48
C SER F 95 -12.77 -10.93 -12.77
N LEU F 96 -12.72 -10.69 -11.45
CA LEU F 96 -13.99 -10.52 -10.75
C LEU F 96 -13.85 -9.50 -9.64
N VAL F 97 -15.01 -8.97 -9.27
CA VAL F 97 -15.14 -7.95 -8.25
C VAL F 97 -16.06 -8.50 -7.18
N LEU F 98 -15.62 -8.40 -5.94
CA LEU F 98 -16.41 -8.73 -4.76
C LEU F 98 -16.86 -7.46 -4.06
N THR F 99 -18.16 -7.34 -3.85
CA THR F 99 -18.70 -6.14 -3.20
C THR F 99 -19.27 -6.54 -1.85
N LEU F 100 -18.69 -5.96 -0.80
CA LEU F 100 -19.27 -6.15 0.53
C LEU F 100 -18.62 -5.17 1.50
N ASP F 101 -19.46 -4.69 2.39
CA ASP F 101 -19.03 -3.62 3.30
C ASP F 101 -18.08 -4.13 4.38
N ARG F 102 -18.32 -5.30 4.94
CA ARG F 102 -17.44 -5.90 5.95
C ARG F 102 -17.51 -7.42 5.83
N PRO F 103 -16.48 -8.15 6.24
CA PRO F 103 -15.25 -7.59 6.78
C PRO F 103 -14.31 -7.13 5.69
N LYS F 104 -13.20 -6.53 6.06
CA LYS F 104 -12.17 -6.13 5.10
C LYS F 104 -11.52 -7.37 4.52
N LEU F 105 -11.37 -7.37 3.18
CA LEU F 105 -10.75 -8.54 2.57
C LEU F 105 -9.27 -8.35 2.27
N GLY F 106 -8.85 -7.09 2.30
CA GLY F 106 -7.45 -6.78 2.09
C GLY F 106 -6.50 -7.67 2.85
N PRO F 107 -6.69 -7.90 4.15
CA PRO F 107 -5.80 -8.82 4.87
C PRO F 107 -5.84 -10.27 4.41
N HIS F 108 -6.84 -10.65 3.62
CA HIS F 108 -6.99 -11.99 3.07
C HIS F 108 -6.63 -12.07 1.60
N ARG F 109 -6.25 -10.96 0.98
CA ARG F 109 -6.00 -10.92 -0.46
C ARG F 109 -5.05 -11.97 -0.95
N LYS F 110 -3.88 -12.19 -0.32
CA LYS F 110 -2.93 -13.17 -0.82
C LYS F 110 -3.55 -14.57 -0.87
N ALA F 111 -4.20 -14.88 0.26
CA ALA F 111 -4.76 -16.23 0.32
C ALA F 111 -5.90 -16.39 -0.68
N LEU F 112 -6.67 -15.33 -0.88
CA LEU F 112 -7.83 -15.49 -1.78
C LEU F 112 -7.38 -15.70 -3.22
N VAL F 113 -6.41 -14.89 -3.64
CA VAL F 113 -5.85 -15.06 -4.97
C VAL F 113 -5.13 -16.40 -5.12
N ASP F 114 -4.44 -16.83 -4.05
CA ASP F 114 -3.75 -18.12 -4.14
C ASP F 114 -4.76 -19.24 -4.35
N SER F 115 -5.89 -19.07 -3.67
CA SER F 115 -6.92 -20.11 -3.78
C SER F 115 -7.47 -20.15 -5.19
N LEU F 116 -7.84 -18.98 -5.72
CA LEU F 116 -8.32 -18.98 -7.12
C LEU F 116 -7.31 -19.49 -8.11
N SER F 117 -6.05 -19.16 -7.92
CA SER F 117 -4.96 -19.62 -8.77
C SER F 117 -4.86 -21.15 -8.75
N ARG F 118 -4.87 -21.74 -7.57
CA ARG F 118 -4.83 -23.20 -7.44
C ARG F 118 -6.08 -23.90 -7.96
N LEU F 119 -7.27 -23.37 -7.66
CA LEU F 119 -8.50 -24.00 -8.12
C LEU F 119 -8.63 -23.93 -9.64
N MET F 120 -8.36 -22.79 -10.26
CA MET F 120 -8.45 -22.68 -11.70
C MET F 120 -7.22 -23.04 -12.42
N ARG F 121 -6.07 -23.36 -11.83
CA ARG F 121 -4.82 -23.64 -12.52
C ARG F 121 -4.42 -22.48 -13.42
N LEU F 122 -4.52 -21.25 -12.90
CA LEU F 122 -4.08 -20.08 -13.64
C LEU F 122 -2.94 -19.37 -12.93
N PRO F 123 -2.01 -18.77 -13.66
CA PRO F 123 -0.96 -18.01 -12.97
C PRO F 123 -1.56 -16.84 -12.19
N GLN F 124 -0.93 -16.36 -11.12
CA GLN F 124 -1.59 -15.29 -10.36
C GLN F 124 -1.76 -14.01 -11.16
N ASP F 125 -1.01 -13.76 -12.23
CA ASP F 125 -1.25 -12.54 -13.02
C ASP F 125 -2.50 -12.66 -13.87
N ARG F 126 -3.08 -13.87 -13.92
CA ARG F 126 -4.31 -14.07 -14.68
C ARG F 126 -5.51 -14.26 -13.75
N ILE F 127 -5.31 -13.98 -12.49
CA ILE F 127 -6.39 -13.89 -11.51
C ILE F 127 -6.55 -12.41 -11.15
N GLY F 128 -7.68 -11.83 -11.53
CA GLY F 128 -7.85 -10.37 -11.28
C GLY F 128 -8.97 -10.22 -10.27
N LEU F 129 -8.56 -9.97 -9.03
CA LEU F 129 -9.54 -9.92 -7.95
C LEU F 129 -9.51 -8.52 -7.37
N THR F 130 -10.67 -7.85 -7.35
CA THR F 130 -10.74 -6.55 -6.72
C THR F 130 -11.90 -6.53 -5.73
N PHE F 131 -11.77 -5.72 -4.70
CA PHE F 131 -12.76 -5.59 -3.64
C PHE F 131 -13.30 -4.16 -3.56
N LYS F 132 -14.60 -4.06 -3.28
CA LYS F 132 -15.27 -2.79 -3.07
C LYS F 132 -16.33 -2.90 -1.98
N THR F 133 -16.60 -1.77 -1.31
CA THR F 133 -17.76 -1.76 -0.43
C THR F 133 -18.97 -1.41 -1.30
N SER F 134 -20.17 -1.51 -0.76
CA SER F 134 -21.34 -1.12 -1.56
C SER F 134 -21.69 0.34 -1.33
N GLU F 135 -20.92 1.06 -0.51
CA GLU F 135 -21.15 2.45 -0.14
C GLU F 135 -22.57 2.66 0.38
N GLY F 136 -23.07 1.72 1.18
CA GLY F 136 -24.40 1.91 1.72
C GLY F 136 -25.55 1.28 0.97
N LEU F 137 -25.34 0.91 -0.29
CA LEU F 137 -26.38 0.38 -1.16
C LEU F 137 -26.80 -1.03 -0.78
N ALA F 138 -25.83 -1.85 -0.36
CA ALA F 138 -26.19 -3.25 -0.06
C ALA F 138 -25.44 -3.74 1.17
N PRO F 139 -25.74 -3.17 2.32
CA PRO F 139 -24.91 -3.47 3.50
C PRO F 139 -25.17 -4.85 4.06
N SER F 140 -26.24 -5.54 3.67
CA SER F 140 -26.35 -6.90 4.22
C SER F 140 -26.29 -7.95 3.11
N HIS F 141 -25.55 -7.63 2.05
CA HIS F 141 -25.32 -8.64 1.02
C HIS F 141 -23.85 -8.69 0.65
N VAL F 142 -23.44 -9.85 0.15
CA VAL F 142 -22.15 -9.96 -0.55
C VAL F 142 -22.49 -10.10 -2.02
N GLN F 143 -21.78 -9.41 -2.91
CA GLN F 143 -22.08 -9.52 -4.34
C GLN F 143 -20.81 -9.89 -5.09
N ALA F 144 -20.94 -10.64 -6.18
CA ALA F 144 -19.76 -10.96 -6.98
C ALA F 144 -20.12 -10.84 -8.46
N ARG F 145 -19.23 -10.32 -9.26
CA ARG F 145 -19.45 -10.30 -10.72
C ARG F 145 -18.13 -10.68 -11.36
N ALA F 146 -18.19 -11.55 -12.36
CA ALA F 146 -16.97 -12.16 -12.92
C ALA F 146 -17.03 -12.26 -14.43
N VAL F 147 -15.88 -12.04 -15.03
CA VAL F 147 -15.62 -12.31 -16.45
C VAL F 147 -14.55 -13.38 -16.59
N VAL F 148 -14.80 -14.34 -17.49
CA VAL F 148 -13.72 -15.28 -17.80
C VAL F 148 -13.39 -15.20 -19.29
N LEU F 149 -12.15 -15.55 -19.62
CA LEU F 149 -11.66 -15.57 -21.00
C LEU F 149 -11.03 -16.93 -21.24
N LEU F 150 -11.38 -17.59 -22.34
CA LEU F 150 -10.82 -18.90 -22.67
C LEU F 150 -10.30 -18.92 -24.12
N ASP F 151 -9.22 -19.63 -24.29
CA ASP F 151 -8.42 -20.15 -25.36
C ASP F 151 -7.25 -19.28 -25.78
MG MG G . 11.16 10.96 26.95
MG MG H . 14.16 9.97 27.91
MG MG I . 11.62 -4.16 9.39
O3P C5P J . 9.25 -3.95 11.99
P C5P J . 8.56 -4.45 10.67
O1P C5P J . 7.83 -5.69 10.86
O2P C5P J . 9.51 -4.43 9.39
O5' C5P J . 7.53 -3.31 10.20
C5' C5P J . 6.73 -3.47 9.06
C4' C5P J . 5.93 -2.26 8.89
O4' C5P J . 4.84 -1.93 9.77
C3' C5P J . 6.66 -0.91 8.64
O3' C5P J . 7.58 -0.67 7.54
C2' C5P J . 5.67 0.15 9.06
O2' C5P J . 4.96 0.30 7.86
C1' C5P J . 4.51 -0.55 9.64
N1 C5P J . 4.48 -0.36 11.18
C2 C5P J . 3.36 0.34 11.76
N3 C5P J . 3.23 0.55 13.10
C4 C5P J . 4.20 0.07 14.01
C5 C5P J . 5.36 -0.64 13.51
C6 C5P J . 5.43 -0.83 12.14
O2 C5P J . 2.46 0.78 11.00
N4 C5P J . 4.06 0.26 15.33
MG MG K . 13.52 -5.57 7.27
MG MG L . 32.70 -1.70 19.62
O3P C5P M . 31.47 -4.93 18.39
P C5P M . 33.04 -4.88 18.43
O1P C5P M . 33.61 -6.10 19.05
O2P C5P M . 33.67 -3.49 18.76
O5' C5P M . 33.53 -4.99 16.89
C5' C5P M . 34.89 -5.05 16.58
C4' C5P M . 35.01 -5.15 15.14
O4' C5P M . 34.68 -6.33 14.42
C3' C5P M . 34.45 -3.97 14.30
O3' C5P M . 34.99 -2.63 14.41
C2' C5P M . 34.14 -4.60 12.95
O2' C5P M . 35.45 -4.44 12.46
C1' C5P M . 34.51 -6.04 13.05
N1 C5P M . 33.15 -6.75 13.04
C2 C5P M . 32.89 -7.61 11.92
N3 C5P M . 31.77 -8.31 11.77
C4 C5P M . 30.73 -8.24 12.74
C5 C5P M . 30.88 -7.41 13.90
C6 C5P M . 32.08 -6.72 14.01
O2 C5P M . 33.78 -7.69 11.05
N4 C5P M . 29.58 -8.95 12.59
MG MG N . 34.25 0.38 21.55
O3P C5P O . 16.55 8.51 30.10
P C5P O . 15.77 9.68 30.81
O1P C5P O . 15.33 9.31 32.14
O2P C5P O . 14.86 10.56 29.90
O5' C5P O . 16.88 10.84 31.05
C5' C5P O . 16.50 12.06 31.60
C4' C5P O . 17.73 12.85 31.72
O4' C5P O . 18.84 12.53 32.57
C3' C5P O . 18.35 13.35 30.38
O3' C5P O . 17.56 14.15 29.49
C2' C5P O . 19.79 13.60 30.69
O2' C5P O . 19.69 14.92 31.15
C1' C5P O . 19.99 13.17 32.10
N1 C5P O . 20.84 11.88 32.10
C2 C5P O . 22.18 11.98 32.66
N3 C5P O . 23.02 10.92 32.72
C4 C5P O . 22.62 9.64 32.24
C5 C5P O . 21.31 9.44 31.66
C6 C5P O . 20.50 10.57 31.62
O2 C5P O . 22.55 13.10 33.10
N4 C5P O . 23.44 8.59 32.33
MG MG P . -14.38 5.24 -6.15
MG MG Q . -14.85 2.64 -4.57
MG MG R . -32.99 1.55 -19.61
O3P C5P S . -32.15 4.57 -17.64
P C5P S . -33.01 4.87 -18.94
O1P C5P S . -34.18 5.68 -18.65
O2P C5P S . -33.20 3.66 -19.91
O5' C5P S . -32.05 5.79 -19.85
C5' C5P S . -32.48 6.31 -21.08
C4' C5P S . -31.37 7.10 -21.57
O4' C5P S . -30.94 8.34 -21.04
C3' C5P S . -30.09 6.33 -22.00
O3' C5P S . -30.16 5.27 -22.99
C2' C5P S . -29.02 7.40 -22.02
O2' C5P S . -29.23 7.84 -23.35
C1' C5P S . -29.65 8.64 -21.53
N1 C5P S . -29.17 8.98 -20.08
C2 C5P S . -28.45 10.20 -19.85
N3 C5P S . -27.98 10.59 -18.63
C4 C5P S . -28.21 9.75 -17.51
C5 C5P S . -28.89 8.51 -17.63
C6 C5P S . -29.35 8.17 -18.91
O2 C5P S . -28.21 10.98 -20.80
N4 C5P S . -27.75 10.13 -16.28
MG MG T . -34.46 -0.72 -20.94
MG MG U . -24.66 -18.40 -4.69
MG MG V . -27.18 -17.23 -6.29
O3P C5P W . -15.78 0.62 -1.67
P C5P W . -14.48 1.47 -1.36
O1P C5P W . -14.59 2.20 -0.11
O2P C5P W . -13.92 2.19 -2.66
O5' C5P W . -13.23 0.49 -1.20
C5' C5P W . -11.96 0.95 -0.89
C4' C5P W . -11.08 -0.21 -0.78
O4' C5P W . -11.17 -1.15 0.30
C3' C5P W . -10.89 -1.06 -2.07
O3' C5P W . -10.35 -0.48 -3.29
C2' C5P W . -10.50 -2.42 -1.54
O2' C5P W . -9.13 -2.14 -1.40
C1' C5P W . -10.56 -2.36 -0.06
N1 C5P W . -11.75 -3.22 0.46
C2 C5P W . -11.49 -4.39 1.26
N3 C5P W . -12.48 -5.16 1.73
C4 C5P W . -13.84 -4.88 1.48
C5 C5P W . -14.21 -3.75 0.68
C6 C5P W . -13.15 -2.98 0.21
O2 C5P W . -10.34 -4.74 1.57
N4 C5P W . -14.78 -5.70 1.99
O3P C5P X . -30.52 -16.19 -7.12
P C5P X . -30.48 -17.72 -6.72
O1P C5P X . -31.51 -18.12 -5.78
O2P C5P X . -29.03 -18.32 -6.58
O5' C5P X . -30.85 -18.50 -8.09
C5' C5P X . -30.67 -19.89 -8.19
C4' C5P X . -31.18 -20.28 -9.50
O4' C5P X . -32.54 -20.12 -9.93
C3' C5P X . -30.27 -20.03 -10.72
O3' C5P X . -28.90 -20.46 -10.77
C2' C5P X . -31.24 -19.99 -11.89
O2' C5P X . -31.17 -21.38 -12.14
C1' C5P X . -32.59 -20.20 -11.34
N1 C5P X . -33.40 -18.89 -11.45
C2 C5P X . -34.48 -18.82 -12.40
N3 C5P X . -35.23 -17.72 -12.56
C4 C5P X . -35.01 -16.55 -11.77
C5 C5P X . -33.96 -16.49 -10.81
C6 C5P X . -33.21 -17.66 -10.70
O2 C5P X . -34.75 -19.80 -13.12
N4 C5P X . -35.81 -15.48 -11.95
#